data_4KT6
#
_entry.id   4KT6
#
_cell.length_a   43.203
_cell.length_b   56.882
_cell.length_c   89.980
_cell.angle_alpha   72.96
_cell.angle_beta   90.01
_cell.angle_gamma   82.27
#
_symmetry.space_group_name_H-M   'P 1'
#
loop_
_entity.id
_entity.type
_entity.pdbx_description
1 polymer 'Nicotine adenine dinucleotide glycohydrolase'
2 polymer 'Putative uncharacterized protein'
3 water water
#
loop_
_entity_poly.entity_id
_entity_poly.type
_entity_poly.pdbx_seq_one_letter_code
_entity_poly.pdbx_strand_id
1 'polypeptide(L)'
;GNMERDIFEKKFKEIKDKWVTDKQADEFIETADKYADKAVQMSAVASRAEYYRMYVSRKYHYKKEFVEKLKQVYKESGAS
HVTSKKDVMLAFDDAKRKSTIGRQENGLFVTSFAEDMALLFTDQGKLKSADQIENIKGVDSGKYSDGVYQYEYDSELTKN
IDKLGYIRTASGDTPGANSLNIPGCQTWSGKHIENSESELIFPSISVKDLKSKAVLAEIDAKGYFEIIDPTIIAPNGDHK
KVTGRFKIKKMQDRMQDRK
;
A,C
2 'polypeptide(L)'
;MYKVPKGLEHYQKMFQKEVTVNDLKKYLIGSDKEYRITRRDSYMGDISDPEVILEYGVYPAFIKGYTQLKANIEEALLEM
SNSGQALDIYQAVQTLNAENMLLNYYESLPFYLNRQSILANITKALKDAHIREAMAHYKLGEFAHYQDTMLDMVERTIET
F
;
B,D
#
# COMPACT_ATOMS: atom_id res chain seq x y z
N GLY A 1 33.50 -48.70 8.17
CA GLY A 1 33.06 -47.40 7.61
C GLY A 1 34.16 -46.39 7.68
N ASN A 2 33.86 -45.24 8.28
CA ASN A 2 34.83 -44.18 8.55
C ASN A 2 34.10 -43.17 9.43
N MET A 3 34.78 -42.80 10.51
CA MET A 3 34.16 -42.06 11.56
C MET A 3 33.76 -40.67 11.09
N GLU A 4 34.53 -40.11 10.19
CA GLU A 4 34.27 -38.77 9.69
C GLU A 4 32.95 -38.76 8.93
N ARG A 5 32.71 -39.72 8.07
CA ARG A 5 31.44 -39.75 7.40
C ARG A 5 30.29 -40.19 8.30
N ASP A 6 30.58 -40.88 9.38
CA ASP A 6 29.53 -41.21 10.32
C ASP A 6 29.06 -39.99 11.07
N ILE A 7 29.99 -39.14 11.47
CA ILE A 7 29.58 -37.97 12.16
C ILE A 7 28.94 -37.00 11.19
N PHE A 8 29.50 -36.87 10.01
CA PHE A 8 28.84 -36.06 8.95
C PHE A 8 27.37 -36.42 8.79
N GLU A 9 27.09 -37.70 8.58
CA GLU A 9 25.73 -38.16 8.34
C GLU A 9 24.83 -37.92 9.56
N LYS A 10 25.36 -38.16 10.75
CA LYS A 10 24.63 -37.95 11.98
C LYS A 10 24.21 -36.47 12.06
N LYS A 11 25.16 -35.59 11.77
CA LYS A 11 24.94 -34.16 11.94
C LYS A 11 23.89 -33.70 10.93
N PHE A 12 24.02 -34.16 9.69
CA PHE A 12 23.03 -33.85 8.64
C PHE A 12 21.63 -34.25 9.07
N LYS A 13 21.48 -35.50 9.52
CA LYS A 13 20.18 -35.96 10.01
C LYS A 13 19.60 -35.10 11.15
N GLU A 14 20.46 -34.61 12.03
CA GLU A 14 20.03 -33.76 13.14
C GLU A 14 19.45 -32.43 12.63
N ILE A 15 20.05 -31.88 11.58
CA ILE A 15 19.72 -30.53 11.12
C ILE A 15 18.86 -30.49 9.84
N LYS A 16 18.58 -31.66 9.27
CA LYS A 16 17.83 -31.72 8.01
C LYS A 16 16.51 -30.93 8.03
N ASP A 17 16.33 -30.02 7.07
CA ASP A 17 15.09 -29.22 7.01
C ASP A 17 13.86 -30.01 6.54
N LYS A 18 12.66 -29.59 6.95
CA LYS A 18 11.45 -30.33 6.60
C LYS A 18 11.11 -30.29 5.11
N TRP A 19 11.73 -29.40 4.35
CA TRP A 19 11.49 -29.34 2.91
C TRP A 19 12.34 -30.30 2.11
N VAL A 20 13.42 -30.81 2.71
CA VAL A 20 14.30 -31.78 2.08
C VAL A 20 13.58 -33.13 1.87
N THR A 21 13.55 -33.61 0.62
CA THR A 21 12.93 -34.90 0.34
C THR A 21 13.87 -36.02 0.76
N ASP A 22 13.31 -37.22 0.91
CA ASP A 22 14.11 -38.40 1.22
C ASP A 22 15.16 -38.62 0.14
N LYS A 23 14.79 -38.35 -1.12
CA LYS A 23 15.70 -38.50 -2.25
C LYS A 23 16.88 -37.53 -2.16
N GLN A 24 16.59 -36.24 -1.92
CA GLN A 24 17.66 -35.26 -1.72
C GLN A 24 18.54 -35.63 -0.58
N ALA A 25 17.95 -36.09 0.54
CA ALA A 25 18.72 -36.46 1.72
C ALA A 25 19.67 -37.61 1.38
N ASP A 26 19.17 -38.54 0.59
CA ASP A 26 19.97 -39.72 0.24
C ASP A 26 21.10 -39.32 -0.68
N GLU A 27 20.82 -38.46 -1.67
CA GLU A 27 21.85 -37.88 -2.58
C GLU A 27 22.90 -37.05 -1.83
N PHE A 28 22.45 -36.27 -0.85
CA PHE A 28 23.36 -35.46 -0.04
C PHE A 28 24.41 -36.34 0.66
N ILE A 29 23.94 -37.45 1.24
CA ILE A 29 24.82 -38.39 1.92
C ILE A 29 25.73 -39.13 0.93
N GLU A 30 25.14 -39.63 -0.15
CA GLU A 30 25.84 -40.51 -1.06
C GLU A 30 26.95 -39.75 -1.78
N THR A 31 26.64 -38.51 -2.14
CA THR A 31 27.58 -37.67 -2.91
C THR A 31 28.59 -36.96 -2.03
N ALA A 32 28.42 -37.03 -0.71
CA ALA A 32 29.29 -36.22 0.19
C ALA A 32 30.79 -36.24 -0.18
N ASP A 33 31.35 -37.42 -0.44
CA ASP A 33 32.78 -37.49 -0.65
C ASP A 33 33.27 -36.85 -1.94
N LYS A 34 32.41 -36.79 -2.96
CA LYS A 34 32.77 -36.10 -4.19
C LYS A 34 32.92 -34.60 -3.95
N TYR A 35 32.07 -34.05 -3.09
CA TYR A 35 32.13 -32.62 -2.74
C TYR A 35 33.34 -32.35 -1.84
N ALA A 36 33.69 -33.34 -1.03
CA ALA A 36 34.88 -33.24 -0.18
C ALA A 36 36.11 -33.22 -1.07
N ASP A 37 36.16 -34.16 -2.01
CA ASP A 37 37.29 -34.17 -2.93
C ASP A 37 37.41 -32.91 -3.79
N LYS A 38 36.28 -32.39 -4.28
CA LYS A 38 36.27 -31.14 -5.05
C LYS A 38 36.91 -30.01 -4.21
N ALA A 39 36.52 -29.92 -2.94
CA ALA A 39 37.09 -28.92 -2.07
C ALA A 39 38.61 -29.07 -1.88
N VAL A 40 39.10 -30.31 -1.80
CA VAL A 40 40.53 -30.54 -1.70
C VAL A 40 41.24 -30.07 -2.97
N GLN A 41 40.71 -30.44 -4.13
CA GLN A 41 41.35 -30.07 -5.40
C GLN A 41 41.41 -28.55 -5.57
N MET A 42 40.43 -27.84 -5.03
CA MET A 42 40.39 -26.38 -5.12
C MET A 42 41.28 -25.69 -4.08
N SER A 43 41.98 -26.48 -3.26
CA SER A 43 42.75 -25.99 -2.10
C SER A 43 41.87 -25.27 -1.08
N ALA A 44 40.57 -25.59 -1.11
CA ALA A 44 39.59 -24.95 -0.24
C ALA A 44 39.67 -25.52 1.17
N VAL A 45 40.02 -26.81 1.27
CA VAL A 45 40.10 -27.48 2.57
C VAL A 45 41.35 -28.35 2.63
N ALA A 46 41.82 -28.64 3.84
CA ALA A 46 43.11 -29.35 4.02
C ALA A 46 43.11 -30.75 3.44
N SER A 47 41.97 -31.44 3.55
CA SER A 47 41.85 -32.85 3.20
C SER A 47 40.38 -33.24 3.16
N ARG A 48 40.03 -34.40 2.57
CA ARG A 48 38.62 -34.83 2.57
C ARG A 48 38.16 -35.02 3.99
N ALA A 49 39.04 -35.56 4.85
CA ALA A 49 38.67 -35.77 6.24
C ALA A 49 38.37 -34.44 6.91
N GLU A 50 39.18 -33.43 6.62
CA GLU A 50 39.00 -32.11 7.25
C GLU A 50 37.67 -31.45 6.84
N TYR A 51 37.26 -31.68 5.59
CA TYR A 51 35.95 -31.25 5.11
C TYR A 51 34.83 -31.80 6.01
N TYR A 52 34.88 -33.10 6.31
CA TYR A 52 33.86 -33.69 7.17
C TYR A 52 33.94 -33.13 8.58
N ARG A 53 35.15 -32.87 9.07
CA ARG A 53 35.34 -32.44 10.46
C ARG A 53 34.80 -31.01 10.61
N MET A 54 35.10 -30.18 9.63
CA MET A 54 34.64 -28.80 9.62
C MET A 54 33.10 -28.70 9.45
N TYR A 55 32.51 -29.60 8.65
CA TYR A 55 31.07 -29.68 8.53
C TYR A 55 30.42 -29.96 9.88
N VAL A 56 31.01 -30.88 10.65
CA VAL A 56 30.42 -31.25 11.96
C VAL A 56 30.61 -30.13 13.00
N SER A 57 31.74 -29.44 12.92
CA SER A 57 32.08 -28.38 13.86
C SER A 57 31.17 -27.19 13.63
N ARG A 58 30.63 -27.09 12.42
CA ARG A 58 29.82 -25.96 11.98
C ARG A 58 30.65 -24.71 11.76
N LYS A 59 31.95 -24.78 12.04
CA LYS A 59 32.80 -23.61 11.92
C LYS A 59 33.70 -23.79 10.69
N TYR A 60 33.32 -23.16 9.59
CA TYR A 60 34.08 -23.25 8.36
C TYR A 60 35.19 -22.21 8.32
N HIS A 61 36.41 -22.68 8.15
CA HIS A 61 37.56 -21.79 8.04
C HIS A 61 38.34 -22.14 6.82
N TYR A 62 39.02 -21.13 6.28
CA TYR A 62 39.77 -21.29 5.06
C TYR A 62 41.07 -20.51 5.15
N LYS A 63 42.05 -20.91 4.37
CA LYS A 63 43.33 -20.19 4.33
C LYS A 63 43.14 -18.90 3.55
N LYS A 64 43.80 -17.84 4.02
CA LYS A 64 43.84 -16.55 3.32
C LYS A 64 44.10 -16.61 1.81
N GLU A 65 45.14 -17.31 1.39
CA GLU A 65 45.46 -17.37 -0.03
C GLU A 65 44.36 -18.01 -0.85
N PHE A 66 43.64 -18.97 -0.30
CA PHE A 66 42.57 -19.58 -1.03
C PHE A 66 41.44 -18.61 -1.23
N VAL A 67 41.07 -17.93 -0.17
CA VAL A 67 39.97 -16.96 -0.28
C VAL A 67 40.37 -15.81 -1.23
N GLU A 68 41.62 -15.36 -1.14
CA GLU A 68 42.09 -14.30 -2.06
C GLU A 68 42.01 -14.73 -3.52
N LYS A 69 42.41 -15.99 -3.79
CA LYS A 69 42.30 -16.57 -5.13
C LYS A 69 40.84 -16.61 -5.59
N LEU A 70 39.94 -17.00 -4.68
CA LEU A 70 38.56 -17.11 -5.07
C LEU A 70 37.94 -15.73 -5.34
N LYS A 71 38.26 -14.76 -4.49
CA LYS A 71 37.79 -13.38 -4.63
C LYS A 71 38.21 -12.79 -5.98
N GLN A 72 39.36 -13.23 -6.47
CA GLN A 72 39.87 -12.73 -7.76
C GLN A 72 38.85 -12.94 -8.90
N VAL A 73 38.27 -14.14 -8.94
CA VAL A 73 37.21 -14.54 -9.87
C VAL A 73 36.04 -13.57 -9.80
N TYR A 74 35.61 -13.24 -8.57
CA TYR A 74 34.48 -12.34 -8.40
C TYR A 74 34.83 -10.92 -8.77
N LYS A 75 36.04 -10.50 -8.42
CA LYS A 75 36.52 -9.18 -8.83
C LYS A 75 36.57 -9.04 -10.34
N GLU A 76 36.90 -10.13 -11.03
CA GLU A 76 37.00 -10.10 -12.50
C GLU A 76 35.65 -10.03 -13.20
N SER A 77 34.63 -10.76 -12.70
CA SER A 77 33.38 -10.87 -13.45
C SER A 77 32.18 -10.25 -12.75
N GLY A 78 32.37 -9.90 -11.48
CA GLY A 78 31.25 -9.52 -10.60
C GLY A 78 30.62 -10.73 -9.93
N ALA A 79 29.53 -10.46 -9.20
CA ALA A 79 28.80 -11.50 -8.43
C ALA A 79 27.35 -11.62 -8.84
N SER A 80 26.77 -12.82 -8.66
CA SER A 80 25.46 -13.11 -9.15
C SER A 80 24.70 -13.86 -8.04
N HIS A 81 23.43 -13.49 -7.82
CA HIS A 81 22.43 -14.29 -7.04
C HIS A 81 21.14 -14.42 -7.81
N VAL A 82 20.80 -15.64 -8.25
CA VAL A 82 19.59 -15.83 -9.05
C VAL A 82 18.46 -16.03 -8.05
N THR A 83 17.29 -15.51 -8.39
CA THR A 83 16.12 -15.59 -7.48
C THR A 83 14.80 -15.49 -8.27
N SER A 84 13.67 -15.64 -7.57
CA SER A 84 12.33 -15.38 -8.17
C SER A 84 11.83 -13.93 -8.11
N LYS A 85 10.85 -13.60 -8.95
CA LYS A 85 10.18 -12.31 -8.87
C LYS A 85 9.56 -12.09 -7.48
N LYS A 86 8.98 -13.15 -6.91
CA LYS A 86 8.36 -13.06 -5.59
C LYS A 86 9.40 -12.63 -4.53
N ASP A 87 10.60 -13.20 -4.60
CA ASP A 87 11.62 -12.85 -3.61
C ASP A 87 12.14 -11.43 -3.80
N VAL A 88 12.24 -11.00 -5.06
CA VAL A 88 12.59 -9.60 -5.32
C VAL A 88 11.54 -8.67 -4.67
N MET A 89 10.25 -8.98 -4.85
CA MET A 89 9.19 -8.18 -4.23
C MET A 89 9.32 -8.13 -2.70
N LEU A 90 9.63 -9.28 -2.10
CA LEU A 90 9.75 -9.36 -0.66
C LEU A 90 10.83 -8.45 -0.11
N ALA A 91 11.90 -8.19 -0.88
CA ALA A 91 12.96 -7.34 -0.36
C ALA A 91 12.48 -5.93 -0.08
N PHE A 92 11.58 -5.45 -0.92
CA PHE A 92 11.02 -4.12 -0.83
C PHE A 92 9.85 -4.05 0.13
N ASP A 93 9.01 -5.08 0.09
CA ASP A 93 7.67 -5.05 0.72
C ASP A 93 7.59 -5.65 2.11
N ASP A 94 8.47 -6.62 2.41
CA ASP A 94 8.35 -7.35 3.66
C ASP A 94 9.10 -6.57 4.76
N ALA A 95 8.40 -6.11 5.79
CA ALA A 95 9.01 -5.12 6.69
C ALA A 95 10.20 -5.67 7.48
N LYS A 96 10.15 -6.95 7.82
CA LYS A 96 11.26 -7.52 8.65
C LYS A 96 12.60 -7.52 7.90
N ARG A 97 12.51 -7.52 6.58
CA ARG A 97 13.70 -7.46 5.75
C ARG A 97 14.36 -6.08 5.73
N LYS A 98 13.64 -5.07 6.27
CA LYS A 98 14.18 -3.67 6.44
C LYS A 98 14.73 -3.11 5.14
N SER A 99 13.97 -3.26 4.06
CA SER A 99 14.34 -2.69 2.74
C SER A 99 15.79 -2.96 2.39
N THR A 100 16.16 -4.23 2.49
CA THR A 100 17.48 -4.70 2.08
C THR A 100 17.35 -5.95 1.22
N ILE A 101 18.20 -6.03 0.20
CA ILE A 101 18.36 -7.26 -0.58
C ILE A 101 19.50 -8.01 0.10
N GLY A 102 19.19 -9.20 0.61
CA GLY A 102 20.15 -9.94 1.45
C GLY A 102 19.61 -9.85 2.88
N ARG A 103 20.21 -10.57 3.81
CA ARG A 103 19.66 -10.69 5.17
C ARG A 103 20.30 -9.63 6.08
N GLN A 104 19.94 -8.38 5.79
CA GLN A 104 20.51 -7.23 6.49
C GLN A 104 22.07 -7.34 6.63
N GLU A 105 22.64 -7.18 7.82
CA GLU A 105 24.12 -7.25 7.95
C GLU A 105 24.73 -8.64 7.72
N ASN A 106 23.89 -9.67 7.65
CA ASN A 106 24.32 -11.03 7.38
C ASN A 106 24.58 -11.35 5.89
N GLY A 107 24.13 -10.48 5.00
CA GLY A 107 24.63 -10.48 3.60
C GLY A 107 23.78 -11.32 2.67
N LEU A 108 24.30 -11.53 1.48
CA LEU A 108 23.61 -12.28 0.45
C LEU A 108 24.54 -13.35 -0.10
N PHE A 109 24.10 -14.60 -0.17
CA PHE A 109 24.87 -15.66 -0.82
C PHE A 109 25.02 -15.35 -2.31
N VAL A 110 26.25 -15.37 -2.82
CA VAL A 110 26.49 -15.16 -4.25
C VAL A 110 27.39 -16.21 -4.86
N THR A 111 27.31 -16.35 -6.20
CA THR A 111 28.40 -16.97 -6.95
C THR A 111 29.04 -15.91 -7.87
N SER A 112 30.07 -16.29 -8.61
CA SER A 112 30.66 -15.36 -9.57
C SER A 112 29.73 -15.16 -10.78
N PHE A 113 29.71 -13.95 -11.31
CA PHE A 113 28.87 -13.64 -12.48
C PHE A 113 29.27 -14.57 -13.65
N ALA A 114 30.57 -14.79 -13.81
CA ALA A 114 31.10 -15.70 -14.88
C ALA A 114 30.51 -17.10 -14.76
N GLU A 115 30.45 -17.62 -13.53
CA GLU A 115 29.94 -18.97 -13.32
C GLU A 115 28.47 -19.09 -13.72
N ASP A 116 27.63 -18.14 -13.30
CA ASP A 116 26.22 -18.17 -13.71
C ASP A 116 26.08 -17.98 -15.22
N MET A 117 26.92 -17.12 -15.80
CA MET A 117 26.92 -16.94 -17.26
C MET A 117 27.24 -18.23 -18.03
N ALA A 118 28.20 -19.00 -17.53
CA ALA A 118 28.59 -20.28 -18.11
C ALA A 118 27.52 -21.34 -17.94
N LEU A 119 26.88 -21.33 -16.78
CA LEU A 119 25.98 -22.44 -16.43
C LEU A 119 24.54 -22.27 -16.92
N LEU A 120 24.06 -21.03 -17.06
CA LEU A 120 22.64 -20.80 -17.30
C LEU A 120 22.26 -20.56 -18.76
N PHE A 121 23.26 -20.51 -19.62
CA PHE A 121 23.04 -20.22 -21.05
C PHE A 121 23.53 -21.38 -21.89
N THR A 122 22.87 -21.58 -23.05
CA THR A 122 23.31 -22.57 -24.03
C THR A 122 24.46 -21.96 -24.82
N ASP A 123 25.06 -22.78 -25.69
CA ASP A 123 26.15 -22.31 -26.55
C ASP A 123 25.71 -21.30 -27.61
N GLN A 124 24.41 -21.23 -27.87
CA GLN A 124 23.88 -20.23 -28.80
C GLN A 124 23.49 -18.92 -28.09
N GLY A 125 23.89 -18.81 -26.82
CA GLY A 125 23.61 -17.64 -25.98
C GLY A 125 22.15 -17.51 -25.60
N LYS A 126 21.45 -18.64 -25.57
CA LYS A 126 20.03 -18.68 -25.17
C LYS A 126 19.93 -19.01 -23.70
N LEU A 127 19.13 -18.26 -22.96
CA LEU A 127 18.87 -18.61 -21.57
C LEU A 127 18.29 -20.03 -21.56
N LYS A 128 18.76 -20.87 -20.66
CA LYS A 128 18.15 -22.19 -20.49
C LYS A 128 16.69 -22.01 -20.05
N SER A 129 15.87 -23.04 -20.20
CA SER A 129 14.46 -22.95 -19.77
C SER A 129 14.38 -22.81 -18.27
N ALA A 130 13.29 -22.22 -17.80
CA ALA A 130 12.98 -22.14 -16.36
C ALA A 130 13.10 -23.52 -15.72
N ASP A 131 12.51 -24.54 -16.35
CA ASP A 131 12.64 -25.91 -15.86
C ASP A 131 14.08 -26.39 -15.68
N GLN A 132 14.93 -26.08 -16.67
CA GLN A 132 16.31 -26.52 -16.64
C GLN A 132 17.05 -25.81 -15.51
N ILE A 133 16.80 -24.52 -15.38
CA ILE A 133 17.49 -23.68 -14.37
C ILE A 133 17.00 -23.99 -12.94
N GLU A 134 15.72 -24.26 -12.79
CA GLU A 134 15.20 -24.73 -11.49
C GLU A 134 15.93 -26.03 -11.06
N ASN A 135 16.13 -26.93 -12.02
CA ASN A 135 16.89 -28.15 -11.77
C ASN A 135 18.33 -27.90 -11.38
N ILE A 136 18.99 -27.05 -12.15
CA ILE A 136 20.36 -26.68 -11.87
C ILE A 136 20.54 -26.10 -10.48
N LYS A 137 19.65 -25.17 -10.12
CA LYS A 137 19.70 -24.46 -8.83
C LYS A 137 19.06 -25.25 -7.66
N GLY A 138 18.41 -26.38 -7.94
CA GLY A 138 17.80 -27.23 -6.90
C GLY A 138 16.72 -26.53 -6.10
N VAL A 139 15.84 -25.83 -6.83
CA VAL A 139 14.72 -25.17 -6.23
C VAL A 139 13.43 -25.86 -6.68
N ASP A 140 12.34 -25.44 -6.06
CA ASP A 140 11.03 -26.04 -6.29
C ASP A 140 10.61 -25.78 -7.73
N SER A 141 9.91 -26.74 -8.32
CA SER A 141 9.40 -26.60 -9.66
C SER A 141 8.48 -25.36 -9.71
N GLY A 142 8.71 -24.51 -10.72
CA GLY A 142 7.93 -23.31 -10.92
C GLY A 142 8.48 -22.08 -10.23
N LYS A 143 9.58 -22.24 -9.48
CA LYS A 143 10.23 -21.11 -8.85
C LYS A 143 10.51 -19.93 -9.81
N TYR A 144 10.95 -20.25 -11.03
CA TYR A 144 11.28 -19.24 -12.01
C TYR A 144 10.27 -19.16 -13.17
N SER A 145 9.05 -19.64 -12.95
CA SER A 145 8.06 -19.67 -14.04
C SER A 145 7.66 -18.25 -14.43
N ASP A 146 7.78 -17.31 -13.49
CA ASP A 146 7.56 -15.87 -13.72
C ASP A 146 8.84 -15.14 -14.17
N GLY A 147 9.90 -15.89 -14.42
CA GLY A 147 11.18 -15.29 -14.83
C GLY A 147 12.32 -15.73 -13.91
N VAL A 148 13.51 -15.77 -14.47
CA VAL A 148 14.72 -16.03 -13.69
C VAL A 148 15.25 -14.64 -13.40
N TYR A 149 15.17 -14.22 -12.14
CA TYR A 149 15.66 -12.90 -11.77
C TYR A 149 17.06 -13.04 -11.23
N GLN A 150 17.81 -11.94 -11.28
CA GLN A 150 19.21 -11.99 -10.93
C GLN A 150 19.66 -10.69 -10.30
N TYR A 151 20.33 -10.80 -9.14
CA TYR A 151 21.07 -9.69 -8.56
C TYR A 151 22.51 -9.74 -9.05
N GLU A 152 23.03 -8.61 -9.47
CA GLU A 152 24.37 -8.54 -10.04
C GLU A 152 25.13 -7.41 -9.36
N TYR A 153 26.26 -7.74 -8.75
CA TYR A 153 27.20 -6.70 -8.32
C TYR A 153 28.23 -6.62 -9.45
N ASP A 154 28.44 -5.45 -10.01
CA ASP A 154 29.47 -5.38 -11.07
C ASP A 154 30.90 -5.46 -10.54
N SER A 155 31.89 -5.57 -11.46
CA SER A 155 33.28 -5.68 -11.02
C SER A 155 33.75 -4.53 -10.13
N GLU A 156 33.38 -3.29 -10.48
CA GLU A 156 33.83 -2.12 -9.73
C GLU A 156 33.25 -2.13 -8.29
N LEU A 157 31.97 -2.38 -8.20
CA LEU A 157 31.30 -2.53 -6.88
C LEU A 157 32.00 -3.62 -6.06
N THR A 158 32.20 -4.77 -6.71
CA THR A 158 32.85 -5.90 -6.08
C THR A 158 34.26 -5.57 -5.58
N LYS A 159 35.06 -4.93 -6.46
CA LYS A 159 36.38 -4.48 -6.05
C LYS A 159 36.35 -3.56 -4.80
N ASN A 160 35.44 -2.60 -4.78
CA ASN A 160 35.40 -1.63 -3.68
C ASN A 160 34.88 -2.29 -2.41
N ILE A 161 34.01 -3.27 -2.57
CA ILE A 161 33.50 -4.04 -1.43
C ILE A 161 34.68 -4.84 -0.83
N ASP A 162 35.53 -5.39 -1.69
CA ASP A 162 36.69 -6.14 -1.20
C ASP A 162 37.71 -5.23 -0.48
N LYS A 163 37.88 -4.01 -1.00
CA LYS A 163 38.82 -3.02 -0.44
C LYS A 163 38.41 -2.62 0.97
N LEU A 164 37.10 -2.64 1.22
CA LEU A 164 36.54 -2.43 2.58
C LEU A 164 36.64 -3.63 3.50
N GLY A 165 37.00 -4.79 2.96
CA GLY A 165 37.15 -6.02 3.70
C GLY A 165 35.80 -6.61 4.07
N TYR A 166 34.80 -6.43 3.21
CA TYR A 166 33.40 -6.81 3.54
C TYR A 166 32.96 -8.16 3.00
N ILE A 167 33.78 -8.79 2.17
CA ILE A 167 33.46 -10.14 1.67
C ILE A 167 33.64 -11.19 2.75
N ARG A 168 32.69 -12.14 2.82
CA ARG A 168 32.69 -13.20 3.81
C ARG A 168 32.53 -14.59 3.19
N THR A 169 33.03 -15.60 3.89
CA THR A 169 32.71 -16.98 3.55
C THR A 169 31.59 -17.48 4.44
N ALA A 170 30.74 -18.37 3.94
CA ALA A 170 29.69 -18.92 4.82
C ALA A 170 30.23 -19.87 5.87
N SER A 171 29.46 -20.02 6.94
CA SER A 171 29.79 -20.98 7.97
C SER A 171 28.50 -21.73 8.26
N GLY A 172 28.58 -22.71 9.16
CA GLY A 172 27.45 -23.56 9.51
C GLY A 172 26.29 -22.80 10.12
N ASP A 173 26.57 -21.69 10.80
CA ASP A 173 25.54 -20.96 11.49
C ASP A 173 25.22 -19.63 10.81
N THR A 174 25.65 -19.45 9.57
CA THR A 174 25.31 -18.25 8.83
C THR A 174 23.79 -18.18 8.60
N PRO A 175 23.16 -17.03 8.94
CA PRO A 175 21.76 -16.87 8.52
C PRO A 175 21.58 -17.14 7.02
N GLY A 176 20.62 -17.99 6.70
CA GLY A 176 20.34 -18.30 5.31
C GLY A 176 21.00 -19.60 4.89
N ALA A 177 21.96 -20.07 5.66
CA ALA A 177 22.45 -21.42 5.41
C ALA A 177 21.35 -22.42 5.84
N ASN A 178 21.25 -23.53 5.14
CA ASN A 178 20.34 -24.60 5.55
C ASN A 178 21.06 -25.92 5.53
N SER A 179 20.29 -27.01 5.67
CA SER A 179 20.87 -28.37 5.78
C SER A 179 21.52 -28.88 4.48
N LEU A 180 21.29 -28.19 3.38
CA LEU A 180 22.00 -28.54 2.13
C LEU A 180 23.20 -27.67 1.83
N ASN A 181 23.54 -26.76 2.75
CA ASN A 181 24.81 -26.03 2.63
C ASN A 181 25.98 -26.89 3.04
N ILE A 182 27.11 -26.69 2.37
CA ILE A 182 28.33 -27.49 2.66
C ILE A 182 29.54 -26.58 2.76
N PRO A 183 30.65 -27.08 3.35
CA PRO A 183 31.94 -26.39 3.36
C PRO A 183 32.59 -26.37 1.98
N GLY A 184 33.58 -25.50 1.83
CA GLY A 184 34.44 -25.45 0.61
C GLY A 184 34.22 -24.27 -0.31
N CYS A 185 33.47 -23.26 0.17
CA CYS A 185 33.04 -22.12 -0.64
C CYS A 185 32.44 -22.61 -1.96
N GLN A 186 31.53 -23.54 -1.86
CA GLN A 186 30.95 -24.19 -3.05
C GLN A 186 29.51 -24.57 -2.75
N THR A 187 28.66 -24.63 -3.79
CA THR A 187 27.28 -25.07 -3.66
C THR A 187 27.10 -26.57 -3.82
N TRP A 188 26.12 -27.13 -3.12
CA TRP A 188 25.75 -28.52 -3.32
C TRP A 188 24.69 -28.54 -4.38
N SER A 189 24.98 -29.24 -5.47
CA SER A 189 24.10 -29.21 -6.62
C SER A 189 23.58 -30.61 -6.99
N GLY A 190 23.39 -31.43 -5.95
CA GLY A 190 22.88 -32.78 -6.11
C GLY A 190 23.86 -33.76 -6.73
N LYS A 191 23.32 -34.76 -7.42
CA LYS A 191 24.12 -35.75 -8.11
C LYS A 191 24.93 -35.07 -9.24
N HIS A 192 24.38 -34.01 -9.84
CA HIS A 192 25.10 -33.36 -10.92
C HIS A 192 26.09 -32.33 -10.41
N ILE A 193 27.20 -32.81 -9.86
CA ILE A 193 28.22 -31.96 -9.24
C ILE A 193 28.85 -31.02 -10.27
N GLU A 194 28.67 -31.34 -11.57
CA GLU A 194 29.06 -30.42 -12.63
C GLU A 194 28.29 -29.08 -12.56
N ASN A 195 27.16 -29.06 -11.86
CA ASN A 195 26.42 -27.79 -11.67
C ASN A 195 26.88 -27.00 -10.43
N SER A 196 27.86 -27.51 -9.70
CA SER A 196 28.29 -26.86 -8.44
C SER A 196 29.10 -25.60 -8.75
N GLU A 197 28.78 -24.51 -8.06
CA GLU A 197 29.48 -23.26 -8.34
C GLU A 197 30.10 -22.78 -7.06
N SER A 198 31.01 -21.84 -7.18
CA SER A 198 31.59 -21.24 -5.96
C SER A 198 30.58 -20.44 -5.16
N GLU A 199 30.89 -20.23 -3.88
CA GLU A 199 29.94 -19.61 -2.98
C GLU A 199 30.65 -18.63 -2.08
N LEU A 200 30.21 -17.39 -2.06
CA LEU A 200 30.66 -16.40 -1.08
C LEU A 200 29.46 -15.62 -0.51
N ILE A 201 29.70 -14.84 0.56
CA ILE A 201 28.64 -13.97 1.08
C ILE A 201 29.01 -12.52 0.85
N PHE A 202 28.19 -11.80 0.08
CA PHE A 202 28.41 -10.37 -0.18
C PHE A 202 27.55 -9.49 0.74
N PRO A 203 27.98 -8.25 0.96
CA PRO A 203 27.14 -7.35 1.77
C PRO A 203 25.82 -7.02 1.09
N SER A 204 24.75 -6.95 1.89
CA SER A 204 23.44 -6.62 1.38
C SER A 204 23.34 -5.22 0.81
N ILE A 205 22.34 -5.04 -0.05
CA ILE A 205 22.11 -3.75 -0.69
C ILE A 205 20.86 -3.13 -0.06
N SER A 206 20.97 -1.84 0.28
CA SER A 206 19.84 -1.13 0.79
C SER A 206 18.94 -0.64 -0.36
N VAL A 207 17.66 -0.96 -0.25
CA VAL A 207 16.66 -0.44 -1.19
C VAL A 207 15.66 0.50 -0.50
N LYS A 208 16.11 1.13 0.58
CA LYS A 208 15.31 2.12 1.30
C LYS A 208 14.65 3.06 0.30
N ASP A 209 13.38 3.32 0.53
CA ASP A 209 12.55 4.24 -0.30
C ASP A 209 12.23 3.80 -1.73
N LEU A 210 12.77 2.67 -2.18
CA LEU A 210 12.40 2.14 -3.50
C LEU A 210 11.13 1.34 -3.38
N LYS A 211 10.33 1.33 -4.44
CA LYS A 211 9.05 0.67 -4.45
C LYS A 211 9.12 -0.52 -5.40
N SER A 212 8.64 -1.69 -4.95
CA SER A 212 8.72 -2.90 -5.77
C SER A 212 7.97 -2.74 -7.10
N LYS A 213 6.74 -2.19 -7.04
CA LYS A 213 5.94 -1.98 -8.25
C LYS A 213 6.74 -1.24 -9.35
N ALA A 214 7.38 -0.13 -8.99
CA ALA A 214 8.15 0.66 -9.95
C ALA A 214 9.44 -0.02 -10.44
N VAL A 215 10.17 -0.63 -9.52
CA VAL A 215 11.36 -1.40 -9.89
C VAL A 215 11.00 -2.51 -10.87
N LEU A 216 9.95 -3.27 -10.58
CA LEU A 216 9.58 -4.38 -11.46
C LEU A 216 9.09 -3.91 -12.83
N ALA A 217 8.47 -2.74 -12.87
CA ALA A 217 8.05 -2.15 -14.15
C ALA A 217 9.25 -1.75 -15.02
N GLU A 218 10.27 -1.15 -14.40
CA GLU A 218 11.52 -0.80 -15.08
C GLU A 218 12.22 -2.04 -15.64
N ILE A 219 12.18 -3.13 -14.86
CA ILE A 219 12.73 -4.39 -15.32
C ILE A 219 11.96 -4.93 -16.53
N ASP A 220 10.63 -4.90 -16.46
CA ASP A 220 9.75 -5.30 -17.57
C ASP A 220 10.08 -4.53 -18.85
N ALA A 221 10.37 -3.23 -18.70
CA ALA A 221 10.53 -2.34 -19.85
C ALA A 221 11.92 -2.40 -20.45
N LYS A 222 12.93 -2.57 -19.60
CA LYS A 222 14.30 -2.43 -20.05
C LYS A 222 15.15 -3.69 -19.81
N GLY A 223 14.62 -4.64 -19.04
CA GLY A 223 15.33 -5.90 -18.79
C GLY A 223 16.08 -5.87 -17.46
N TYR A 224 16.24 -4.68 -16.89
CA TYR A 224 16.96 -4.50 -15.63
C TYR A 224 16.64 -3.19 -14.94
N PHE A 225 17.01 -3.12 -13.66
CA PHE A 225 16.90 -1.91 -12.89
C PHE A 225 18.23 -1.78 -12.20
N GLU A 226 18.79 -0.58 -12.22
CA GLU A 226 20.14 -0.36 -11.73
C GLU A 226 20.22 0.70 -10.65
N ILE A 227 21.08 0.44 -9.68
CA ILE A 227 21.44 1.40 -8.67
C ILE A 227 22.90 1.76 -8.88
N ILE A 228 23.14 3.03 -9.20
CA ILE A 228 24.49 3.55 -9.27
C ILE A 228 24.96 3.98 -7.88
N ASP A 229 26.16 3.54 -7.50
CA ASP A 229 26.76 3.85 -6.21
C ASP A 229 25.82 3.48 -5.08
N PRO A 230 25.51 2.18 -4.97
CA PRO A 230 24.51 1.76 -3.98
C PRO A 230 24.98 1.90 -2.55
N THR A 231 24.04 1.97 -1.61
CA THR A 231 24.35 1.86 -0.21
C THR A 231 24.36 0.37 0.18
N ILE A 232 25.47 -0.07 0.76
CA ILE A 232 25.57 -1.46 1.17
C ILE A 232 25.53 -1.56 2.69
N ILE A 233 25.14 -2.73 3.19
CA ILE A 233 25.18 -2.95 4.62
C ILE A 233 26.42 -3.76 4.95
N ALA A 234 27.35 -3.14 5.69
CA ALA A 234 28.53 -3.84 6.22
C ALA A 234 28.18 -4.96 7.18
N PRO A 235 29.09 -5.95 7.34
CA PRO A 235 28.94 -6.97 8.37
C PRO A 235 28.62 -6.40 9.76
N ASN A 236 29.16 -5.23 10.11
CA ASN A 236 28.90 -4.67 11.45
C ASN A 236 27.65 -3.80 11.50
N GLY A 237 26.95 -3.73 10.37
CA GLY A 237 25.72 -2.96 10.27
C GLY A 237 25.85 -1.54 9.78
N ASP A 238 27.08 -1.07 9.53
CA ASP A 238 27.30 0.23 8.91
C ASP A 238 26.61 0.28 7.54
N HIS A 239 25.97 1.39 7.22
CA HIS A 239 25.51 1.62 5.85
C HIS A 239 26.54 2.48 5.19
N LYS A 240 26.99 2.07 4.01
CA LYS A 240 28.08 2.77 3.34
C LYS A 240 27.77 2.85 1.84
N LYS A 241 27.84 4.05 1.28
CA LYS A 241 27.70 4.23 -0.16
C LYS A 241 29.02 3.81 -0.84
N VAL A 242 28.93 2.89 -1.81
CA VAL A 242 30.10 2.30 -2.50
C VAL A 242 30.01 2.50 -4.00
N THR A 243 31.07 3.02 -4.60
CA THR A 243 31.10 3.23 -6.04
C THR A 243 31.01 1.92 -6.84
N GLY A 244 30.15 1.94 -7.84
CA GLY A 244 29.96 0.77 -8.72
C GLY A 244 28.51 0.68 -9.09
N ARG A 245 28.11 -0.48 -9.60
CA ARG A 245 26.73 -0.65 -10.09
C ARG A 245 26.18 -1.96 -9.58
N PHE A 246 24.97 -1.89 -9.04
CA PHE A 246 24.20 -3.09 -8.67
C PHE A 246 22.99 -3.18 -9.59
N LYS A 247 22.73 -4.36 -10.15
CA LYS A 247 21.53 -4.50 -10.98
C LYS A 247 20.56 -5.59 -10.49
N ILE A 248 19.28 -5.32 -10.68
CA ILE A 248 18.27 -6.36 -10.54
C ILE A 248 17.79 -6.62 -11.95
N LYS A 249 18.03 -7.84 -12.44
CA LYS A 249 17.71 -8.19 -13.82
C LYS A 249 16.65 -9.26 -13.92
N LYS A 250 15.85 -9.22 -15.00
CA LYS A 250 15.20 -10.45 -15.46
C LYS A 250 16.12 -11.03 -16.54
N MET A 251 16.66 -12.23 -16.33
CA MET A 251 17.64 -12.77 -17.26
C MET A 251 16.97 -13.04 -18.61
N GLN A 252 17.72 -12.86 -19.68
CA GLN A 252 17.14 -13.08 -21.00
C GLN A 252 18.24 -13.60 -21.95
N ASP A 253 17.84 -14.01 -23.15
CA ASP A 253 18.79 -14.36 -24.20
C ASP A 253 19.77 -13.19 -24.43
N ARG A 254 21.00 -13.53 -24.81
CA ARG A 254 22.08 -12.53 -24.98
C ARG A 254 21.70 -11.21 -25.66
N MET B 1 -3.33 -14.13 -10.29
CA MET B 1 -4.21 -14.84 -9.40
C MET B 1 -3.45 -15.99 -8.77
N TYR B 2 -3.74 -16.28 -7.52
CA TYR B 2 -3.14 -17.38 -6.84
C TYR B 2 -3.36 -18.63 -7.60
N LYS B 3 -2.38 -19.50 -7.61
CA LYS B 3 -2.48 -20.80 -8.20
C LYS B 3 -1.70 -21.77 -7.36
N VAL B 4 -2.23 -22.96 -7.20
CA VAL B 4 -1.55 -24.04 -6.46
C VAL B 4 -0.18 -24.35 -7.06
N PRO B 5 0.89 -24.22 -6.23
CA PRO B 5 2.23 -24.51 -6.72
C PRO B 5 2.41 -25.99 -7.05
N LYS B 6 3.39 -26.26 -7.90
CA LYS B 6 3.68 -27.61 -8.30
C LYS B 6 4.45 -28.36 -7.22
N GLY B 7 5.28 -27.65 -6.52
CA GLY B 7 6.23 -28.31 -5.66
C GLY B 7 5.82 -28.65 -4.25
N LEU B 8 6.75 -29.26 -3.52
CA LEU B 8 6.59 -29.55 -2.13
C LEU B 8 5.27 -30.23 -1.83
N GLU B 9 4.98 -31.27 -2.57
CA GLU B 9 3.78 -32.04 -2.35
C GLU B 9 3.63 -32.57 -0.94
N HIS B 10 4.70 -32.92 -0.27
CA HIS B 10 4.53 -33.33 1.09
C HIS B 10 3.92 -32.27 1.97
N TYR B 11 4.24 -31.02 1.75
CA TYR B 11 3.56 -29.99 2.49
C TYR B 11 2.07 -29.91 2.13
N GLN B 12 1.77 -30.00 0.85
CA GLN B 12 0.40 -29.97 0.41
C GLN B 12 -0.43 -31.06 1.12
N LYS B 13 0.07 -32.26 1.22
CA LYS B 13 -0.69 -33.34 1.77
C LYS B 13 -0.92 -33.23 3.25
N MET B 14 -0.01 -32.54 3.93
CA MET B 14 -0.08 -32.34 5.36
C MET B 14 -1.36 -31.71 5.86
N PHE B 15 -1.97 -30.91 5.02
CA PHE B 15 -3.11 -30.09 5.37
C PHE B 15 -4.41 -30.60 4.76
N GLN B 16 -4.32 -31.64 3.97
CA GLN B 16 -5.46 -32.24 3.35
C GLN B 16 -6.07 -33.33 4.21
N LYS B 17 -6.46 -32.95 5.40
CA LYS B 17 -6.94 -33.90 6.37
C LYS B 17 -7.48 -33.12 7.52
N GLU B 18 -8.01 -33.78 8.53
CA GLU B 18 -8.45 -33.02 9.71
C GLU B 18 -7.19 -32.44 10.39
N VAL B 19 -7.21 -31.11 10.59
CA VAL B 19 -6.12 -30.43 11.27
C VAL B 19 -6.72 -29.59 12.38
N THR B 20 -6.27 -29.79 13.61
CA THR B 20 -6.89 -29.12 14.75
C THR B 20 -6.33 -27.69 14.85
N VAL B 21 -7.03 -26.85 15.60
CA VAL B 21 -6.49 -25.55 15.95
C VAL B 21 -5.12 -25.67 16.65
N ASN B 22 -4.99 -26.62 17.58
CA ASN B 22 -3.73 -26.82 18.27
C ASN B 22 -2.60 -27.21 17.32
N ASP B 23 -2.92 -28.06 16.35
CA ASP B 23 -1.92 -28.45 15.36
C ASP B 23 -1.51 -27.27 14.47
N LEU B 24 -2.48 -26.47 14.06
CA LEU B 24 -2.17 -25.28 13.26
C LEU B 24 -1.26 -24.32 14.00
N LYS B 25 -1.49 -24.16 15.30
CA LYS B 25 -0.57 -23.33 16.12
C LYS B 25 0.86 -23.87 16.11
N LYS B 26 0.99 -25.18 16.27
CA LYS B 26 2.30 -25.82 16.30
C LYS B 26 2.98 -25.58 14.95
N TYR B 27 2.22 -25.68 13.85
CA TYR B 27 2.80 -25.44 12.52
C TYR B 27 3.19 -24.00 12.33
N LEU B 28 2.31 -23.06 12.70
CA LEU B 28 2.56 -21.65 12.46
C LEU B 28 3.75 -21.14 13.24
N ILE B 29 3.95 -21.71 14.43
CA ILE B 29 5.14 -21.37 15.24
C ILE B 29 6.40 -22.09 14.77
N GLY B 30 6.33 -23.42 14.71
CA GLY B 30 7.47 -24.24 14.30
C GLY B 30 8.65 -24.25 15.26
N SER B 31 8.39 -24.08 16.56
CA SER B 31 9.46 -24.22 17.55
C SER B 31 9.82 -25.72 17.70
N ASP B 32 8.80 -26.57 17.55
CA ASP B 32 8.96 -28.02 17.50
C ASP B 32 9.34 -28.39 16.07
N LYS B 33 10.55 -28.95 15.93
CA LYS B 33 11.08 -29.27 14.61
C LYS B 33 10.17 -30.14 13.75
N GLU B 34 9.33 -30.96 14.39
CA GLU B 34 8.44 -31.87 13.67
C GLU B 34 7.34 -31.09 12.98
N TYR B 35 7.14 -29.86 13.43
CA TYR B 35 6.09 -28.99 12.86
C TYR B 35 6.64 -27.77 12.15
N ARG B 36 7.92 -27.80 11.80
CA ARG B 36 8.61 -26.64 11.26
C ARG B 36 8.55 -26.57 9.73
N ILE B 37 7.76 -25.64 9.21
CA ILE B 37 7.46 -25.64 7.77
C ILE B 37 8.23 -24.49 7.16
N THR B 38 9.29 -24.80 6.42
CA THR B 38 10.10 -23.76 5.79
C THR B 38 10.36 -24.14 4.35
N ARG B 39 11.00 -23.26 3.63
CA ARG B 39 11.50 -23.60 2.30
C ARG B 39 12.96 -23.16 2.22
N ARG B 40 13.63 -23.56 1.13
CA ARG B 40 15.05 -23.31 0.97
C ARG B 40 15.42 -21.85 1.20
N ASP B 41 14.57 -20.94 0.75
CA ASP B 41 14.85 -19.50 0.79
C ASP B 41 14.13 -18.77 1.93
N SER B 42 13.58 -19.50 2.89
CA SER B 42 12.87 -18.87 4.02
C SER B 42 13.84 -17.93 4.74
N TYR B 43 13.34 -16.75 5.14
CA TYR B 43 14.22 -15.71 5.72
C TYR B 43 14.97 -16.26 6.91
N MET B 44 14.22 -16.91 7.83
CA MET B 44 14.88 -17.67 8.86
C MET B 44 14.61 -19.16 8.66
N GLY B 45 15.52 -20.01 9.16
CA GLY B 45 15.38 -21.45 8.95
C GLY B 45 14.95 -22.25 10.16
N ASP B 46 14.93 -21.62 11.34
CA ASP B 46 14.79 -22.37 12.57
C ASP B 46 13.42 -22.22 13.23
N ILE B 47 12.50 -21.54 12.52
CA ILE B 47 11.10 -21.36 12.96
C ILE B 47 10.30 -21.47 11.67
N SER B 48 9.02 -21.75 11.78
CA SER B 48 8.18 -21.88 10.58
C SER B 48 8.07 -20.59 9.83
N ASP B 49 7.70 -20.74 8.56
CA ASP B 49 7.51 -19.66 7.64
C ASP B 49 6.02 -19.64 7.26
N PRO B 50 5.22 -18.73 7.89
CA PRO B 50 3.76 -18.69 7.61
C PRO B 50 3.39 -18.49 6.15
N GLU B 51 4.24 -17.81 5.37
CA GLU B 51 3.96 -17.72 3.92
C GLU B 51 3.98 -19.07 3.22
N VAL B 52 4.93 -19.95 3.58
CA VAL B 52 4.96 -21.30 3.03
C VAL B 52 3.71 -22.08 3.46
N ILE B 53 3.33 -21.90 4.70
CA ILE B 53 2.15 -22.61 5.25
C ILE B 53 0.88 -22.21 4.46
N LEU B 54 0.66 -20.91 4.24
CA LEU B 54 -0.51 -20.49 3.42
C LEU B 54 -0.37 -20.97 1.98
N GLU B 55 0.74 -20.62 1.34
CA GLU B 55 0.91 -20.88 -0.09
C GLU B 55 0.91 -22.36 -0.50
N TYR B 56 1.58 -23.19 0.30
CA TYR B 56 1.73 -24.62 0.03
C TYR B 56 0.80 -25.54 0.82
N GLY B 57 0.30 -25.04 1.93
CA GLY B 57 -0.51 -25.88 2.79
C GLY B 57 -1.97 -25.49 2.83
N VAL B 58 -2.25 -24.33 3.38
CA VAL B 58 -3.63 -23.93 3.67
C VAL B 58 -4.44 -23.67 2.39
N TYR B 59 -3.90 -22.91 1.45
CA TYR B 59 -4.66 -22.57 0.25
C TYR B 59 -4.94 -23.80 -0.64
N PRO B 60 -3.95 -24.71 -0.82
CA PRO B 60 -4.24 -25.91 -1.64
C PRO B 60 -5.33 -26.78 -0.99
N ALA B 61 -5.30 -26.89 0.32
CA ALA B 61 -6.26 -27.75 1.05
C ALA B 61 -7.64 -27.12 1.03
N PHE B 62 -7.69 -25.81 1.21
CA PHE B 62 -8.94 -25.05 1.09
C PHE B 62 -9.55 -25.33 -0.27
N ILE B 63 -8.75 -25.18 -1.32
CA ILE B 63 -9.21 -25.44 -2.68
C ILE B 63 -9.77 -26.88 -2.88
N LYS B 64 -9.19 -27.86 -2.21
CA LYS B 64 -9.66 -29.25 -2.29
C LYS B 64 -10.87 -29.49 -1.39
N GLY B 65 -11.37 -28.43 -0.77
CA GLY B 65 -12.59 -28.55 0.04
C GLY B 65 -12.46 -28.53 1.55
N TYR B 66 -11.24 -28.37 2.07
CA TYR B 66 -11.04 -28.35 3.50
C TYR B 66 -11.21 -26.93 3.99
N THR B 67 -12.45 -26.42 3.86
CA THR B 67 -12.77 -25.02 4.15
C THR B 67 -12.70 -24.66 5.64
N GLN B 68 -12.75 -25.66 6.51
CA GLN B 68 -12.67 -25.43 7.96
C GLN B 68 -11.31 -24.82 8.34
N LEU B 69 -10.31 -24.95 7.45
CA LEU B 69 -9.00 -24.32 7.68
C LEU B 69 -9.04 -22.81 7.91
N LYS B 70 -9.95 -22.09 7.24
CA LYS B 70 -10.08 -20.64 7.44
C LYS B 70 -10.47 -20.28 8.89
N ALA B 71 -11.60 -20.81 9.38
CA ALA B 71 -12.01 -20.52 10.77
C ALA B 71 -10.96 -21.03 11.75
N ASN B 72 -10.42 -22.19 11.48
CA ASN B 72 -9.43 -22.77 12.37
C ASN B 72 -8.11 -22.00 12.46
N ILE B 73 -7.58 -21.60 11.31
CA ILE B 73 -6.42 -20.67 11.27
C ILE B 73 -6.72 -19.37 12.01
N GLU B 74 -7.93 -18.81 11.81
CA GLU B 74 -8.26 -17.59 12.54
C GLU B 74 -8.20 -17.81 14.06
N GLU B 75 -8.80 -18.91 14.52
CA GLU B 75 -8.69 -19.21 15.96
C GLU B 75 -7.25 -19.49 16.41
N ALA B 76 -6.45 -20.18 15.59
CA ALA B 76 -5.04 -20.41 15.96
C ALA B 76 -4.32 -19.06 16.17
N LEU B 77 -4.60 -18.15 15.25
CA LEU B 77 -4.01 -16.81 15.23
C LEU B 77 -4.49 -15.96 16.38
N LEU B 78 -5.80 -16.04 16.69
CA LEU B 78 -6.31 -15.35 17.86
C LEU B 78 -5.56 -15.81 19.11
N GLU B 79 -5.42 -17.12 19.25
CA GLU B 79 -4.72 -17.72 20.41
C GLU B 79 -3.27 -17.30 20.50
N MET B 80 -2.57 -17.34 19.37
CA MET B 80 -1.18 -16.95 19.33
C MET B 80 -0.97 -15.49 19.70
N SER B 81 -1.81 -14.62 19.15
CA SER B 81 -1.72 -13.19 19.44
C SER B 81 -2.02 -12.85 20.92
N ASN B 82 -2.79 -13.71 21.59
CA ASN B 82 -3.09 -13.55 23.03
C ASN B 82 -2.23 -14.39 23.99
N SER B 83 -1.20 -15.04 23.45
CA SER B 83 -0.38 -16.00 24.19
C SER B 83 0.56 -15.35 25.21
N GLY B 84 0.84 -14.06 25.03
CA GLY B 84 1.86 -13.35 25.80
C GLY B 84 3.29 -13.88 25.61
N GLN B 85 3.50 -14.68 24.57
CA GLN B 85 4.80 -15.27 24.26
C GLN B 85 5.32 -14.60 23.00
N ALA B 86 6.50 -14.03 23.12
CA ALA B 86 7.13 -13.26 22.02
C ALA B 86 7.11 -13.94 20.66
N LEU B 87 7.69 -15.14 20.57
CA LEU B 87 7.74 -15.83 19.29
C LEU B 87 6.36 -16.09 18.70
N ASP B 88 5.38 -16.44 19.55
CA ASP B 88 4.09 -16.79 19.02
C ASP B 88 3.40 -15.53 18.47
N ILE B 89 3.52 -14.39 19.17
CA ILE B 89 2.89 -13.14 18.69
C ILE B 89 3.61 -12.75 17.38
N TYR B 90 4.92 -12.92 17.37
CA TYR B 90 5.70 -12.62 16.16
C TYR B 90 5.21 -13.45 14.98
N GLN B 91 4.99 -14.74 15.22
CA GLN B 91 4.49 -15.61 14.15
C GLN B 91 3.07 -15.26 13.72
N ALA B 92 2.21 -14.86 14.68
CA ALA B 92 0.90 -14.29 14.30
C ALA B 92 1.01 -13.11 13.35
N VAL B 93 1.88 -12.17 13.69
CA VAL B 93 2.10 -10.95 12.91
C VAL B 93 2.64 -11.34 11.54
N GLN B 94 3.53 -12.34 11.55
CA GLN B 94 4.09 -12.82 10.27
C GLN B 94 3.05 -13.55 9.40
N THR B 95 1.99 -14.11 9.97
CA THR B 95 0.98 -14.79 9.16
C THR B 95 0.09 -13.73 8.53
N LEU B 96 -0.28 -12.69 9.27
CA LEU B 96 -1.12 -11.64 8.64
C LEU B 96 -0.27 -10.98 7.54
N ASN B 97 1.00 -10.79 7.84
CA ASN B 97 1.93 -10.24 6.86
C ASN B 97 2.03 -11.11 5.62
N ALA B 98 2.18 -12.43 5.83
CA ALA B 98 2.24 -13.40 4.75
C ALA B 98 1.03 -13.27 3.85
N GLU B 99 -0.19 -13.17 4.41
CA GLU B 99 -1.37 -12.91 3.54
C GLU B 99 -1.17 -11.67 2.65
N ASN B 100 -0.68 -10.59 3.22
CA ASN B 100 -0.45 -9.36 2.46
C ASN B 100 0.62 -9.57 1.39
N MET B 101 1.68 -10.30 1.71
CA MET B 101 2.75 -10.48 0.72
C MET B 101 2.22 -11.37 -0.40
N LEU B 102 1.38 -12.35 -0.05
CA LEU B 102 0.85 -13.25 -1.07
C LEU B 102 -0.20 -12.50 -1.89
N LEU B 103 -0.95 -11.62 -1.27
CA LEU B 103 -1.88 -10.75 -2.02
C LEU B 103 -1.08 -9.86 -3.02
N ASN B 104 -0.03 -9.22 -2.52
CA ASN B 104 0.79 -8.35 -3.40
C ASN B 104 1.28 -9.07 -4.64
N TYR B 105 1.75 -10.30 -4.45
CA TYR B 105 2.31 -11.08 -5.54
C TYR B 105 1.23 -11.67 -6.44
N TYR B 106 0.27 -12.34 -5.86
CA TYR B 106 -0.69 -13.10 -6.61
C TYR B 106 -1.93 -12.32 -7.06
N GLU B 107 -2.15 -11.18 -6.47
CA GLU B 107 -3.22 -10.27 -6.80
C GLU B 107 -4.66 -10.68 -6.44
N SER B 108 -4.84 -11.93 -6.06
CA SER B 108 -6.13 -12.47 -5.67
C SER B 108 -5.86 -13.76 -4.90
N LEU B 109 -6.50 -14.02 -3.77
CA LEU B 109 -6.26 -15.26 -3.00
C LEU B 109 -7.58 -16.01 -2.82
N PRO B 110 -7.51 -17.31 -2.46
CA PRO B 110 -8.75 -18.10 -2.31
C PRO B 110 -9.73 -17.52 -1.28
N PHE B 111 -9.19 -17.05 -0.16
CA PHE B 111 -9.98 -16.35 0.80
C PHE B 111 -9.14 -15.32 1.51
N TYR B 112 -9.78 -14.42 2.27
CA TYR B 112 -9.12 -13.42 3.10
C TYR B 112 -9.49 -13.67 4.56
N LEU B 113 -8.48 -13.65 5.43
CA LEU B 113 -8.73 -13.84 6.85
C LEU B 113 -9.67 -12.80 7.48
N ASN B 114 -10.54 -13.26 8.38
CA ASN B 114 -11.24 -12.35 9.28
C ASN B 114 -10.21 -11.97 10.30
N ARG B 115 -9.73 -10.74 10.26
CA ARG B 115 -8.57 -10.42 11.08
C ARG B 115 -8.78 -9.31 12.08
N GLN B 116 -9.98 -8.74 12.13
CA GLN B 116 -10.25 -7.61 13.02
C GLN B 116 -9.86 -7.89 14.47
N SER B 117 -10.37 -8.99 15.04
CA SER B 117 -9.98 -9.37 16.41
C SER B 117 -8.49 -9.70 16.60
N ILE B 118 -7.88 -10.38 15.61
CA ILE B 118 -6.45 -10.67 15.67
C ILE B 118 -5.65 -9.36 15.70
N LEU B 119 -6.03 -8.43 14.83
CA LEU B 119 -5.39 -7.11 14.80
C LEU B 119 -5.55 -6.42 16.15
N ALA B 120 -6.73 -6.53 16.74
CA ALA B 120 -6.93 -5.89 18.01
C ALA B 120 -6.06 -6.50 19.08
N ASN B 121 -5.97 -7.81 19.07
CA ASN B 121 -5.21 -8.50 20.07
C ASN B 121 -3.79 -8.19 20.01
N ILE B 122 -3.29 -8.08 18.80
CA ILE B 122 -1.92 -7.72 18.59
C ILE B 122 -1.62 -6.34 19.19
N THR B 123 -2.47 -5.36 18.89
CA THR B 123 -2.37 -4.00 19.43
C THR B 123 -2.30 -4.06 20.94
N LYS B 124 -3.21 -4.82 21.55
CA LYS B 124 -3.23 -4.94 23.01
C LYS B 124 -1.98 -5.65 23.58
N ALA B 125 -1.45 -6.65 22.88
CA ALA B 125 -0.20 -7.33 23.28
C ALA B 125 0.95 -6.34 23.38
N LEU B 126 1.06 -5.50 22.36
CA LEU B 126 2.16 -4.55 22.22
C LEU B 126 2.03 -3.31 23.09
N LYS B 127 0.99 -3.27 23.92
CA LYS B 127 0.80 -2.22 24.90
C LYS B 127 1.29 -2.72 26.26
N ASP B 128 1.44 -4.04 26.35
CA ASP B 128 1.86 -4.70 27.57
C ASP B 128 3.39 -4.61 27.69
N ALA B 129 3.85 -3.96 28.76
CA ALA B 129 5.28 -3.70 28.98
C ALA B 129 6.13 -4.97 28.97
N HIS B 130 5.62 -6.04 29.59
CA HIS B 130 6.37 -7.30 29.67
C HIS B 130 6.50 -8.01 28.34
N ILE B 131 5.48 -7.89 27.50
CA ILE B 131 5.54 -8.48 26.15
C ILE B 131 6.50 -7.69 25.26
N ARG B 132 6.42 -6.36 25.33
CA ARG B 132 7.35 -5.51 24.54
C ARG B 132 8.79 -5.80 24.95
N GLU B 133 9.01 -5.99 26.24
CA GLU B 133 10.35 -6.23 26.78
C GLU B 133 10.88 -7.60 26.32
N ALA B 134 10.01 -8.60 26.29
CA ALA B 134 10.40 -9.94 25.84
C ALA B 134 10.78 -9.88 24.35
N MET B 135 9.99 -9.14 23.59
CA MET B 135 10.27 -8.96 22.17
C MET B 135 11.54 -8.17 21.92
N ALA B 136 11.77 -7.12 22.70
CA ALA B 136 12.96 -6.28 22.52
C ALA B 136 14.21 -7.11 22.79
N HIS B 137 14.11 -8.01 23.75
CA HIS B 137 15.22 -8.87 24.14
C HIS B 137 15.31 -10.22 23.46
N TYR B 138 14.44 -10.52 22.49
CA TYR B 138 14.37 -11.91 22.04
C TYR B 138 15.55 -12.19 21.12
N LYS B 139 16.49 -13.00 21.59
CA LYS B 139 17.69 -13.23 20.82
C LYS B 139 18.01 -14.71 20.70
N LEU B 140 17.01 -15.56 20.85
CA LEU B 140 17.21 -16.98 20.60
C LEU B 140 17.31 -17.27 19.12
N GLY B 141 18.02 -18.33 18.80
CA GLY B 141 18.11 -18.83 17.43
C GLY B 141 18.71 -17.80 16.50
N GLU B 142 18.14 -17.68 15.29
CA GLU B 142 18.72 -16.74 14.33
C GLU B 142 18.56 -15.27 14.68
N PHE B 143 17.62 -14.96 15.56
CA PHE B 143 17.50 -13.58 16.01
C PHE B 143 18.80 -13.07 16.64
N ALA B 144 19.66 -13.99 17.06
CA ALA B 144 20.88 -13.56 17.74
C ALA B 144 21.79 -12.89 16.72
N HIS B 145 21.60 -13.23 15.45
CA HIS B 145 22.41 -12.67 14.36
C HIS B 145 21.92 -11.38 13.72
N TYR B 146 20.90 -10.75 14.29
CA TYR B 146 20.38 -9.49 13.79
C TYR B 146 20.36 -8.39 14.81
N GLN B 147 20.97 -7.26 14.44
CA GLN B 147 20.83 -6.00 15.18
C GLN B 147 19.36 -5.56 15.28
N ASP B 148 18.62 -5.76 14.19
CA ASP B 148 17.21 -5.44 14.13
C ASP B 148 16.44 -6.34 15.11
N THR B 149 15.75 -5.76 16.08
CA THR B 149 15.09 -6.57 17.10
C THR B 149 13.79 -7.16 16.64
N MET B 150 13.41 -8.27 17.28
CA MET B 150 12.06 -8.80 17.08
C MET B 150 11.04 -7.68 17.24
N LEU B 151 11.12 -6.92 18.34
CA LEU B 151 10.19 -5.80 18.58
C LEU B 151 10.08 -4.84 17.41
N ASP B 152 11.22 -4.37 16.88
CA ASP B 152 11.14 -3.47 15.76
C ASP B 152 10.63 -4.13 14.47
N MET B 153 11.00 -5.38 14.23
CA MET B 153 10.41 -6.10 13.09
C MET B 153 8.89 -6.14 13.20
N VAL B 154 8.41 -6.44 14.41
CA VAL B 154 6.99 -6.50 14.68
C VAL B 154 6.35 -5.12 14.45
N GLU B 155 6.95 -4.09 15.05
CA GLU B 155 6.36 -2.73 14.91
C GLU B 155 6.27 -2.26 13.46
N ARG B 156 7.35 -2.45 12.69
CA ARG B 156 7.34 -2.02 11.31
C ARG B 156 6.35 -2.83 10.50
N THR B 157 6.22 -4.13 10.80
CA THR B 157 5.19 -4.97 10.13
C THR B 157 3.76 -4.49 10.44
N ILE B 158 3.46 -4.21 11.69
CA ILE B 158 2.14 -3.70 12.07
C ILE B 158 1.73 -2.44 11.30
N GLU B 159 2.70 -1.55 11.11
CA GLU B 159 2.48 -0.32 10.36
C GLU B 159 2.05 -0.59 8.93
N THR B 160 2.43 -1.76 8.41
CA THR B 160 2.07 -2.11 7.01
C THR B 160 0.70 -2.80 6.89
N PHE B 161 -0.01 -2.97 8.01
CA PHE B 161 -1.34 -3.58 8.01
C PHE B 161 -2.39 -2.52 7.65
N GLY C 1 -1.90 -13.17 -14.88
CA GLY C 1 -2.67 -12.07 -14.40
C GLY C 1 -4.11 -12.51 -14.33
N ASN C 2 -4.96 -11.60 -14.72
CA ASN C 2 -6.38 -11.76 -14.79
C ASN C 2 -6.71 -10.46 -15.49
N MET C 3 -7.52 -10.56 -16.52
CA MET C 3 -7.89 -9.48 -17.39
C MET C 3 -8.61 -8.45 -16.61
N GLU C 4 -9.59 -8.88 -15.86
CA GLU C 4 -10.41 -7.98 -15.05
C GLU C 4 -9.54 -7.08 -14.19
N ARG C 5 -8.65 -7.66 -13.44
CA ARG C 5 -7.79 -6.84 -12.66
C ARG C 5 -6.95 -5.89 -13.50
N ASP C 6 -6.43 -6.35 -14.64
CA ASP C 6 -5.62 -5.48 -15.48
C ASP C 6 -6.37 -4.25 -16.02
N ILE C 7 -7.60 -4.44 -16.50
CA ILE C 7 -8.39 -3.31 -16.97
C ILE C 7 -8.79 -2.42 -15.77
N PHE C 8 -8.98 -3.02 -14.60
CA PHE C 8 -9.25 -2.25 -13.36
C PHE C 8 -8.09 -1.28 -13.09
N GLU C 9 -6.87 -1.80 -13.07
CA GLU C 9 -5.70 -0.97 -12.83
C GLU C 9 -5.50 0.12 -13.89
N LYS C 10 -5.62 -0.25 -15.16
CA LYS C 10 -5.53 0.70 -16.26
C LYS C 10 -6.51 1.85 -16.06
N LYS C 11 -7.73 1.53 -15.65
CA LYS C 11 -8.78 2.55 -15.50
C LYS C 11 -8.48 3.47 -14.34
N PHE C 12 -8.09 2.90 -13.20
CA PHE C 12 -7.66 3.71 -12.04
C PHE C 12 -6.55 4.68 -12.42
N LYS C 13 -5.50 4.19 -13.07
CA LYS C 13 -4.40 5.04 -13.55
C LYS C 13 -4.88 6.19 -14.45
N GLU C 14 -5.88 5.92 -15.28
CA GLU C 14 -6.47 6.94 -16.15
C GLU C 14 -7.13 8.06 -15.36
N ILE C 15 -7.82 7.70 -14.27
CA ILE C 15 -8.67 8.65 -13.57
C ILE C 15 -8.08 9.12 -12.23
N LYS C 16 -6.96 8.53 -11.82
CA LYS C 16 -6.30 8.91 -10.55
C LYS C 16 -6.18 10.43 -10.34
N ASP C 17 -6.70 10.91 -9.22
CA ASP C 17 -6.60 12.34 -8.88
C ASP C 17 -5.18 12.77 -8.49
N LYS C 18 -4.86 14.04 -8.77
CA LYS C 18 -3.54 14.57 -8.44
C LYS C 18 -3.25 14.64 -6.95
N TRP C 19 -4.29 14.56 -6.10
CA TRP C 19 -4.05 14.57 -4.66
C TRP C 19 -3.64 13.23 -4.09
N VAL C 20 -3.98 12.15 -4.79
CA VAL C 20 -3.62 10.77 -4.40
C VAL C 20 -2.10 10.55 -4.39
N THR C 21 -1.59 10.12 -3.24
CA THR C 21 -0.16 9.80 -3.11
C THR C 21 0.17 8.49 -3.81
N ASP C 22 1.44 8.33 -4.16
CA ASP C 22 1.94 7.08 -4.69
C ASP C 22 1.61 5.94 -3.74
N LYS C 23 1.65 6.21 -2.45
CA LYS C 23 1.36 5.19 -1.41
C LYS C 23 -0.09 4.77 -1.46
N GLN C 24 -0.99 5.74 -1.54
CA GLN C 24 -2.43 5.45 -1.61
C GLN C 24 -2.77 4.70 -2.89
N ALA C 25 -2.09 5.06 -3.98
CA ALA C 25 -2.34 4.47 -5.29
C ALA C 25 -1.92 3.01 -5.28
N ASP C 26 -0.78 2.77 -4.63
CA ASP C 26 -0.28 1.42 -4.52
C ASP C 26 -1.23 0.57 -3.71
N GLU C 27 -1.68 1.08 -2.56
CA GLU C 27 -2.69 0.42 -1.71
C GLU C 27 -4.00 0.15 -2.43
N PHE C 28 -4.50 1.15 -3.16
CA PHE C 28 -5.73 0.99 -3.92
C PHE C 28 -5.67 -0.22 -4.84
N ILE C 29 -4.59 -0.29 -5.59
CA ILE C 29 -4.36 -1.41 -6.47
C ILE C 29 -4.13 -2.72 -5.70
N GLU C 30 -3.27 -2.71 -4.69
CA GLU C 30 -2.87 -3.97 -4.03
C GLU C 30 -4.08 -4.62 -3.34
N THR C 31 -4.93 -3.78 -2.74
CA THR C 31 -6.05 -4.25 -1.92
C THR C 31 -7.34 -4.45 -2.73
N ALA C 32 -7.29 -4.16 -4.02
CA ALA C 32 -8.49 -4.17 -4.87
C ALA C 32 -9.32 -5.43 -4.67
N ASP C 33 -8.67 -6.60 -4.66
CA ASP C 33 -9.41 -7.84 -4.57
C ASP C 33 -10.10 -8.06 -3.22
N LYS C 34 -9.55 -7.51 -2.15
CA LYS C 34 -10.20 -7.62 -0.85
C LYS C 34 -11.51 -6.85 -0.82
N TYR C 35 -11.52 -5.69 -1.47
CA TYR C 35 -12.75 -4.89 -1.58
C TYR C 35 -13.80 -5.56 -2.48
N ALA C 36 -13.32 -6.17 -3.56
CA ALA C 36 -14.15 -6.99 -4.41
C ALA C 36 -14.78 -8.12 -3.63
N ASP C 37 -13.97 -8.85 -2.85
CA ASP C 37 -14.52 -9.97 -2.09
C ASP C 37 -15.51 -9.54 -1.01
N LYS C 38 -15.22 -8.43 -0.32
CA LYS C 38 -16.15 -7.82 0.65
C LYS C 38 -17.54 -7.54 0.03
N ALA C 39 -17.54 -6.96 -1.17
CA ALA C 39 -18.75 -6.68 -1.93
C ALA C 39 -19.53 -7.96 -2.25
N VAL C 40 -18.84 -9.03 -2.64
CA VAL C 40 -19.53 -10.30 -2.92
C VAL C 40 -20.21 -10.85 -1.67
N GLN C 41 -19.46 -10.85 -0.56
CA GLN C 41 -19.97 -11.28 0.74
C GLN C 41 -21.24 -10.56 1.17
N MET C 42 -21.31 -9.25 0.95
CA MET C 42 -22.47 -8.47 1.41
C MET C 42 -23.64 -8.58 0.43
N SER C 43 -23.47 -9.40 -0.61
CA SER C 43 -24.46 -9.50 -1.70
C SER C 43 -24.62 -8.21 -2.52
N ALA C 44 -23.64 -7.31 -2.42
CA ALA C 44 -23.64 -6.07 -3.18
C ALA C 44 -23.37 -6.33 -4.66
N VAL C 45 -22.46 -7.25 -4.97
CA VAL C 45 -22.09 -7.53 -6.36
C VAL C 45 -22.08 -9.02 -6.64
N ALA C 46 -22.29 -9.39 -7.91
CA ALA C 46 -22.50 -10.80 -8.32
C ALA C 46 -21.30 -11.71 -8.03
N SER C 47 -20.09 -11.21 -8.31
CA SER C 47 -18.84 -11.99 -8.13
C SER C 47 -17.66 -11.01 -8.05
N ARG C 48 -16.46 -11.48 -7.72
CA ARG C 48 -15.31 -10.56 -7.68
C ARG C 48 -15.06 -10.01 -9.09
N ALA C 49 -15.19 -10.88 -10.09
CA ALA C 49 -14.97 -10.48 -11.48
C ALA C 49 -15.94 -9.34 -11.85
N GLU C 50 -17.20 -9.45 -11.40
CA GLU C 50 -18.22 -8.46 -11.77
C GLU C 50 -17.92 -7.11 -11.14
N TYR C 51 -17.41 -7.12 -9.91
CA TYR C 51 -16.89 -5.91 -9.26
C TYR C 51 -15.87 -5.17 -10.15
N TYR C 52 -14.93 -5.91 -10.72
CA TYR C 52 -13.95 -5.28 -11.59
C TYR C 52 -14.59 -4.72 -12.88
N ARG C 53 -15.50 -5.49 -13.47
CA ARG C 53 -16.18 -5.07 -14.72
C ARG C 53 -17.03 -3.81 -14.46
N MET C 54 -17.70 -3.76 -13.31
CA MET C 54 -18.48 -2.59 -12.92
C MET C 54 -17.62 -1.33 -12.76
N TYR C 55 -16.48 -1.47 -12.08
CA TYR C 55 -15.54 -0.35 -11.91
C TYR C 55 -15.10 0.22 -13.25
N VAL C 56 -14.75 -0.64 -14.20
CA VAL C 56 -14.26 -0.20 -15.51
C VAL C 56 -15.41 0.46 -16.30
N SER C 57 -16.62 -0.08 -16.16
CA SER C 57 -17.78 0.40 -16.93
C SER C 57 -18.27 1.75 -16.44
N ARG C 58 -17.90 2.09 -15.19
CA ARG C 58 -18.31 3.31 -14.49
C ARG C 58 -19.78 3.32 -14.10
N LYS C 59 -20.50 2.27 -14.48
CA LYS C 59 -21.94 2.24 -14.25
C LYS C 59 -22.23 1.21 -13.16
N TYR C 60 -22.50 1.68 -11.94
CA TYR C 60 -22.75 0.78 -10.82
C TYR C 60 -24.21 0.45 -10.68
N HIS C 61 -24.50 -0.84 -10.62
CA HIS C 61 -25.87 -1.32 -10.53
C HIS C 61 -25.99 -2.31 -9.42
N TYR C 62 -27.14 -2.30 -8.77
CA TYR C 62 -27.41 -3.15 -7.62
C TYR C 62 -28.82 -3.75 -7.66
N LYS C 63 -28.95 -4.95 -7.11
CA LYS C 63 -30.25 -5.62 -6.99
C LYS C 63 -31.09 -4.88 -5.96
N LYS C 64 -32.38 -4.68 -6.25
CA LYS C 64 -33.30 -3.95 -5.36
C LYS C 64 -33.28 -4.56 -3.96
N GLU C 65 -33.25 -5.89 -3.90
CA GLU C 65 -33.28 -6.63 -2.64
C GLU C 65 -32.08 -6.26 -1.76
N PHE C 66 -30.92 -6.10 -2.38
CA PHE C 66 -29.72 -5.73 -1.62
C PHE C 66 -29.83 -4.29 -1.07
N VAL C 67 -30.24 -3.36 -1.92
CA VAL C 67 -30.40 -1.95 -1.51
C VAL C 67 -31.43 -1.80 -0.38
N GLU C 68 -32.56 -2.48 -0.52
CA GLU C 68 -33.60 -2.44 0.54
C GLU C 68 -33.07 -2.91 1.90
N LYS C 69 -32.35 -4.04 1.91
CA LYS C 69 -31.75 -4.55 3.13
C LYS C 69 -30.70 -3.59 3.74
N LEU C 70 -29.88 -3.00 2.89
CA LEU C 70 -28.88 -2.04 3.35
C LEU C 70 -29.51 -0.81 3.99
N LYS C 71 -30.62 -0.34 3.41
CA LYS C 71 -31.31 0.83 3.92
C LYS C 71 -31.91 0.63 5.31
N GLN C 72 -31.99 -0.62 5.75
CA GLN C 72 -32.59 -0.90 7.04
C GLN C 72 -31.84 -0.21 8.19
N VAL C 73 -30.53 -0.36 8.25
CA VAL C 73 -29.74 0.25 9.33
C VAL C 73 -29.84 1.78 9.29
N TYR C 74 -29.92 2.35 8.08
CA TYR C 74 -30.17 3.79 7.93
C TYR C 74 -31.52 4.22 8.48
N LYS C 75 -32.56 3.43 8.19
CA LYS C 75 -33.88 3.72 8.72
C LYS C 75 -33.95 3.60 10.25
N GLU C 76 -33.20 2.64 10.78
CA GLU C 76 -33.13 2.40 12.24
C GLU C 76 -32.36 3.49 12.98
N SER C 77 -31.17 3.83 12.48
CA SER C 77 -30.24 4.69 13.21
C SER C 77 -30.14 6.10 12.64
N GLY C 78 -30.55 6.28 11.38
CA GLY C 78 -30.29 7.53 10.64
C GLY C 78 -29.04 7.45 9.78
N ALA C 79 -28.59 8.62 9.30
CA ALA C 79 -27.45 8.72 8.38
C ALA C 79 -26.46 9.78 8.83
N SER C 80 -25.20 9.64 8.40
CA SER C 80 -24.12 10.49 8.91
C SER C 80 -23.12 10.82 7.80
N HIS C 81 -22.70 12.08 7.75
CA HIS C 81 -21.59 12.49 6.87
C HIS C 81 -20.64 13.31 7.71
N VAL C 82 -19.45 12.76 7.98
CA VAL C 82 -18.42 13.48 8.73
C VAL C 82 -17.71 14.51 7.85
N THR C 83 -17.48 15.69 8.40
CA THR C 83 -16.80 16.74 7.64
C THR C 83 -16.04 17.72 8.52
N SER C 84 -15.47 18.74 7.89
CA SER C 84 -14.75 19.81 8.61
C SER C 84 -15.55 21.09 8.83
N LYS C 85 -15.09 21.92 9.75
CA LYS C 85 -15.68 23.23 9.92
C LYS C 85 -15.66 24.07 8.63
N LYS C 86 -14.55 23.98 7.90
CA LYS C 86 -14.36 24.70 6.67
C LYS C 86 -15.44 24.32 5.67
N ASP C 87 -15.69 23.01 5.55
CA ASP C 87 -16.72 22.53 4.57
C ASP C 87 -18.12 22.97 4.95
N VAL C 88 -18.41 22.97 6.26
CA VAL C 88 -19.71 23.42 6.70
C VAL C 88 -19.90 24.88 6.32
N MET C 89 -18.88 25.71 6.59
CA MET C 89 -18.99 27.12 6.22
C MET C 89 -19.22 27.31 4.71
N LEU C 90 -18.54 26.49 3.93
CA LEU C 90 -18.67 26.58 2.46
C LEU C 90 -20.07 26.32 1.98
N ALA C 91 -20.79 25.40 2.64
CA ALA C 91 -22.17 25.15 2.26
C ALA C 91 -23.02 26.44 2.27
N PHE C 92 -22.82 27.26 3.28
CA PHE C 92 -23.53 28.54 3.40
C PHE C 92 -22.93 29.70 2.61
N ASP C 93 -21.61 29.75 2.48
CA ASP C 93 -20.91 30.97 2.06
C ASP C 93 -20.52 30.95 0.57
N ASP C 94 -20.35 29.77 -0.01
CA ASP C 94 -19.79 29.63 -1.36
C ASP C 94 -20.95 29.64 -2.36
N ALA C 95 -21.09 30.71 -3.13
CA ALA C 95 -22.27 30.90 -3.99
C ALA C 95 -22.58 29.71 -4.95
N LYS C 96 -21.55 29.08 -5.52
CA LYS C 96 -21.78 27.97 -6.49
C LYS C 96 -22.47 26.78 -5.82
N ARG C 97 -22.39 26.72 -4.50
CA ARG C 97 -23.08 25.66 -3.73
C ARG C 97 -24.56 25.90 -3.51
N LYS C 98 -25.02 27.14 -3.79
CA LYS C 98 -26.41 27.51 -3.77
C LYS C 98 -27.09 27.18 -2.45
N SER C 99 -26.42 27.54 -1.36
CA SER C 99 -26.99 27.38 -0.02
C SER C 99 -27.55 25.97 0.19
N THR C 100 -26.73 24.95 -0.10
CA THR C 100 -27.13 23.56 0.10
C THR C 100 -25.98 22.76 0.70
N ILE C 101 -26.31 21.89 1.65
CA ILE C 101 -25.39 20.87 2.15
C ILE C 101 -25.59 19.65 1.25
N GLY C 102 -24.54 19.26 0.54
CA GLY C 102 -24.65 18.28 -0.53
C GLY C 102 -24.41 19.00 -1.84
N ARG C 103 -24.26 18.26 -2.93
CA ARG C 103 -23.95 18.78 -4.23
C ARG C 103 -25.24 19.09 -5.00
N GLN C 104 -25.99 20.05 -4.46
CA GLN C 104 -27.32 20.40 -4.99
C GLN C 104 -28.17 19.14 -5.22
N GLU C 105 -28.77 18.96 -6.40
CA GLU C 105 -29.61 17.78 -6.62
C GLU C 105 -28.82 16.46 -6.72
N ASN C 106 -27.49 16.56 -6.77
CA ASN C 106 -26.61 15.35 -6.77
C ASN C 106 -26.38 14.72 -5.40
N GLY C 107 -26.78 15.40 -4.33
CA GLY C 107 -26.91 14.76 -3.04
C GLY C 107 -25.64 14.80 -2.20
N LEU C 108 -25.67 14.00 -1.15
CA LEU C 108 -24.61 13.97 -0.15
C LEU C 108 -24.29 12.53 0.13
N PHE C 109 -23.02 12.20 0.03
CA PHE C 109 -22.54 10.87 0.42
C PHE C 109 -22.76 10.65 1.92
N VAL C 110 -23.32 9.51 2.31
CA VAL C 110 -23.53 9.24 3.74
C VAL C 110 -23.18 7.79 4.07
N THR C 111 -22.91 7.50 5.35
CA THR C 111 -22.96 6.12 5.83
C THR C 111 -24.07 6.11 6.88
N SER C 112 -24.36 4.95 7.46
CA SER C 112 -25.35 4.92 8.55
C SER C 112 -24.81 5.63 9.80
N PHE C 113 -25.70 6.24 10.56
CA PHE C 113 -25.33 6.86 11.83
C PHE C 113 -24.71 5.82 12.76
N ALA C 114 -25.32 4.62 12.80
CA ALA C 114 -24.75 3.52 13.61
C ALA C 114 -23.30 3.20 13.27
N GLU C 115 -23.00 3.10 11.97
CA GLU C 115 -21.63 2.80 11.57
C GLU C 115 -20.62 3.84 12.03
N ASP C 116 -20.93 5.11 11.87
CA ASP C 116 -20.00 6.18 12.27
C ASP C 116 -19.84 6.24 13.79
N MET C 117 -20.95 6.03 14.51
CA MET C 117 -20.95 6.02 15.97
C MET C 117 -20.08 4.89 16.53
N ALA C 118 -20.13 3.72 15.91
CA ALA C 118 -19.27 2.60 16.32
C ALA C 118 -17.80 2.83 15.98
N LEU C 119 -17.56 3.43 14.83
CA LEU C 119 -16.20 3.52 14.32
C LEU C 119 -15.39 4.69 14.93
N LEU C 120 -16.05 5.80 15.21
CA LEU C 120 -15.34 7.01 15.63
C LEU C 120 -15.28 7.20 17.16
N PHE C 121 -15.90 6.29 17.93
CA PHE C 121 -15.83 6.32 19.40
C PHE C 121 -15.11 5.13 20.01
N THR C 122 -14.48 5.34 21.18
CA THR C 122 -13.86 4.23 21.89
C THR C 122 -14.97 3.43 22.58
N ASP C 123 -14.57 2.33 23.22
CA ASP C 123 -15.50 1.46 23.99
C ASP C 123 -16.32 2.17 25.08
N GLN C 124 -15.71 3.16 25.74
CA GLN C 124 -16.39 3.87 26.81
C GLN C 124 -16.93 5.24 26.37
N GLY C 125 -17.38 5.31 25.11
CA GLY C 125 -18.14 6.45 24.61
C GLY C 125 -17.39 7.76 24.39
N LYS C 126 -16.06 7.72 24.33
CA LYS C 126 -15.33 8.93 24.01
C LYS C 126 -14.89 9.02 22.55
N LEU C 127 -15.01 10.21 21.99
CA LEU C 127 -14.58 10.46 20.60
C LEU C 127 -13.11 10.13 20.47
N LYS C 128 -12.76 9.38 19.42
CA LYS C 128 -11.37 9.20 19.08
C LYS C 128 -10.72 10.55 18.76
N SER C 129 -9.40 10.60 18.82
CA SER C 129 -8.68 11.85 18.55
C SER C 129 -8.88 12.27 17.10
N ALA C 130 -8.79 13.57 16.85
CA ALA C 130 -8.76 14.10 15.48
C ALA C 130 -7.76 13.34 14.59
N ASP C 131 -6.56 13.08 15.10
CA ASP C 131 -5.56 12.34 14.32
C ASP C 131 -6.03 10.93 13.96
N GLN C 132 -6.66 10.24 14.92
CA GLN C 132 -7.17 8.89 14.69
C GLN C 132 -8.26 8.86 13.61
N ILE C 133 -9.20 9.79 13.76
CA ILE C 133 -10.37 9.89 12.85
C ILE C 133 -9.95 10.33 11.44
N GLU C 134 -8.96 11.21 11.34
CA GLU C 134 -8.38 11.54 10.03
C GLU C 134 -7.81 10.32 9.30
N ASN C 135 -7.04 9.50 10.01
CA ASN C 135 -6.48 8.25 9.47
C ASN C 135 -7.58 7.30 9.03
N ILE C 136 -8.61 7.20 9.86
CA ILE C 136 -9.74 6.31 9.61
C ILE C 136 -10.47 6.71 8.34
N LYS C 137 -10.78 8.00 8.22
CA LYS C 137 -11.55 8.53 7.07
C LYS C 137 -10.66 8.81 5.84
N GLY C 138 -9.35 8.63 5.99
CA GLY C 138 -8.39 8.80 4.88
C GLY C 138 -8.36 10.23 4.35
N VAL C 139 -8.27 11.18 5.27
CA VAL C 139 -8.28 12.60 4.87
C VAL C 139 -6.95 13.20 5.29
N ASP C 140 -6.70 14.43 4.84
CA ASP C 140 -5.42 15.11 5.05
C ASP C 140 -5.20 15.36 6.52
N SER C 141 -3.95 15.23 6.96
CA SER C 141 -3.62 15.47 8.37
C SER C 141 -4.02 16.89 8.72
N GLY C 142 -4.74 17.05 9.82
CA GLY C 142 -5.21 18.37 10.23
C GLY C 142 -6.61 18.74 9.76
N LYS C 143 -7.23 17.89 8.93
CA LYS C 143 -8.58 18.19 8.44
C LYS C 143 -9.59 18.41 9.58
N TYR C 144 -9.43 17.68 10.67
CA TYR C 144 -10.37 17.79 11.80
C TYR C 144 -9.75 18.46 13.02
N SER C 145 -8.65 19.19 12.82
CA SER C 145 -7.96 19.87 13.93
C SER C 145 -8.87 20.91 14.62
N ASP C 146 -9.77 21.53 13.84
CA ASP C 146 -10.73 22.49 14.36
C ASP C 146 -12.04 21.82 14.75
N GLY C 147 -12.06 20.49 14.74
CA GLY C 147 -13.22 19.72 15.22
C GLY C 147 -13.71 18.71 14.20
N VAL C 148 -14.38 17.66 14.67
CA VAL C 148 -14.93 16.68 13.75
C VAL C 148 -16.39 17.04 13.64
N TYR C 149 -16.78 17.55 12.49
CA TYR C 149 -18.17 17.94 12.29
C TYR C 149 -18.94 16.80 11.63
N GLN C 150 -20.26 16.85 11.75
CA GLN C 150 -21.11 15.74 11.31
C GLN C 150 -22.48 16.24 10.91
N TYR C 151 -22.90 15.83 9.72
CA TYR C 151 -24.28 15.97 9.32
C TYR C 151 -25.02 14.71 9.70
N GLU C 152 -26.15 14.88 10.36
CA GLU C 152 -27.01 13.76 10.77
C GLU C 152 -28.42 13.93 10.23
N TYR C 153 -28.92 12.90 9.54
CA TYR C 153 -30.35 12.81 9.25
C TYR C 153 -30.90 11.82 10.28
N ASP C 154 -31.88 12.21 11.10
CA ASP C 154 -32.38 11.27 12.13
C ASP C 154 -33.19 10.12 11.51
N SER C 155 -33.61 9.17 12.35
CA SER C 155 -34.40 8.04 11.92
C SER C 155 -35.68 8.44 11.17
N GLU C 156 -36.46 9.34 11.76
CA GLU C 156 -37.72 9.79 11.18
C GLU C 156 -37.52 10.41 9.79
N LEU C 157 -36.52 11.30 9.71
CA LEU C 157 -36.20 11.97 8.45
C LEU C 157 -35.80 10.95 7.40
N THR C 158 -34.93 10.01 7.76
CA THR C 158 -34.47 8.95 6.86
C THR C 158 -35.64 8.10 6.34
N LYS C 159 -36.53 7.68 7.23
CA LYS C 159 -37.69 6.89 6.82
C LYS C 159 -38.56 7.64 5.83
N ASN C 160 -38.79 8.93 6.08
CA ASN C 160 -39.68 9.73 5.22
C ASN C 160 -39.01 10.03 3.90
N ILE C 161 -37.70 10.14 3.95
CA ILE C 161 -36.92 10.29 2.72
C ILE C 161 -37.04 9.03 1.87
N ASP C 162 -37.00 7.86 2.51
CA ASP C 162 -37.11 6.61 1.77
C ASP C 162 -38.49 6.40 1.18
N LYS C 163 -39.51 6.82 1.93
CA LYS C 163 -40.89 6.73 1.45
C LYS C 163 -41.09 7.53 0.17
N LEU C 164 -40.37 8.65 0.05
CA LEU C 164 -40.42 9.50 -1.15
C LEU C 164 -39.60 8.95 -2.33
N GLY C 165 -38.77 7.94 -2.09
CA GLY C 165 -38.00 7.33 -3.17
C GLY C 165 -36.73 8.10 -3.51
N TYR C 166 -36.23 8.86 -2.55
CA TYR C 166 -35.12 9.79 -2.84
C TYR C 166 -33.71 9.28 -2.58
N ILE C 167 -33.57 8.08 -2.00
CA ILE C 167 -32.24 7.52 -1.72
C ILE C 167 -31.64 6.91 -2.98
N ARG C 168 -30.33 7.11 -3.13
CA ARG C 168 -29.59 6.68 -4.30
C ARG C 168 -28.32 5.91 -3.91
N THR C 169 -27.77 5.22 -4.90
CA THR C 169 -26.50 4.53 -4.75
C THR C 169 -25.56 5.27 -5.67
N ALA C 170 -24.30 5.37 -5.29
CA ALA C 170 -23.31 6.07 -6.12
C ALA C 170 -22.98 5.30 -7.39
N SER C 171 -22.52 6.03 -8.40
CA SER C 171 -22.03 5.39 -9.59
C SER C 171 -20.67 6.01 -9.94
N GLY C 172 -20.04 5.55 -11.02
CA GLY C 172 -18.70 6.02 -11.38
C GLY C 172 -18.66 7.50 -11.72
N ASP C 173 -19.78 8.02 -12.22
CA ASP C 173 -19.82 9.40 -12.68
C ASP C 173 -20.62 10.33 -11.78
N THR C 174 -20.90 9.89 -10.55
CA THR C 174 -21.59 10.71 -9.58
C THR C 174 -20.72 11.91 -9.19
N PRO C 175 -21.26 13.14 -9.29
CA PRO C 175 -20.55 14.27 -8.69
C PRO C 175 -20.10 14.02 -7.24
N GLY C 176 -18.84 14.29 -6.99
CA GLY C 176 -18.27 14.10 -5.65
C GLY C 176 -17.59 12.76 -5.53
N ALA C 177 -17.83 11.85 -6.47
CA ALA C 177 -17.03 10.65 -6.49
C ALA C 177 -15.67 10.99 -7.09
N ASN C 178 -14.59 10.33 -6.63
CA ASN C 178 -13.25 10.56 -7.18
C ASN C 178 -12.57 9.23 -7.44
N SER C 179 -11.27 9.25 -7.71
CA SER C 179 -10.57 8.02 -8.10
C SER C 179 -10.43 6.99 -6.98
N LEU C 180 -10.77 7.34 -5.74
CA LEU C 180 -10.73 6.35 -4.65
C LEU C 180 -12.10 5.80 -4.29
N ASN C 181 -13.14 6.24 -5.02
CA ASN C 181 -14.45 5.64 -4.87
C ASN C 181 -14.46 4.26 -5.50
N ILE C 182 -15.33 3.39 -5.01
CA ILE C 182 -15.41 2.02 -5.48
C ILE C 182 -16.85 1.55 -5.51
N PRO C 183 -17.14 0.48 -6.27
CA PRO C 183 -18.49 -0.06 -6.16
C PRO C 183 -18.71 -0.93 -4.93
N GLY C 184 -19.97 -1.28 -4.72
CA GLY C 184 -20.35 -2.17 -3.62
C GLY C 184 -21.10 -1.49 -2.49
N CYS C 185 -21.50 -0.23 -2.69
CA CYS C 185 -22.12 0.57 -1.63
C CYS C 185 -21.25 0.50 -0.37
N GLN C 186 -19.97 0.77 -0.58
CA GLN C 186 -18.96 0.67 0.50
C GLN C 186 -17.87 1.70 0.25
N THR C 187 -17.25 2.17 1.33
CA THR C 187 -16.12 3.09 1.18
C THR C 187 -14.77 2.37 1.08
N TRP C 188 -13.82 3.00 0.38
CA TRP C 188 -12.47 2.50 0.39
C TRP C 188 -11.73 3.16 1.53
N SER C 189 -11.27 2.34 2.49
CA SER C 189 -10.64 2.92 3.69
C SER C 189 -9.18 2.47 3.81
N GLY C 190 -8.51 2.36 2.66
CA GLY C 190 -7.10 2.04 2.62
C GLY C 190 -6.83 0.58 2.82
N LYS C 191 -5.62 0.26 3.28
CA LYS C 191 -5.34 -1.14 3.58
C LYS C 191 -6.09 -1.59 4.84
N HIS C 192 -6.52 -0.65 5.68
CA HIS C 192 -7.37 -0.99 6.83
C HIS C 192 -8.78 -1.21 6.38
N ILE C 193 -9.03 -2.30 5.64
CA ILE C 193 -10.36 -2.57 5.05
C ILE C 193 -11.40 -2.73 6.17
N GLU C 194 -10.92 -3.04 7.37
CA GLU C 194 -11.81 -3.22 8.51
C GLU C 194 -12.54 -1.92 8.90
N ASN C 195 -12.04 -0.77 8.42
CA ASN C 195 -12.71 0.53 8.67
C ASN C 195 -13.70 0.92 7.58
N SER C 196 -13.87 0.07 6.59
CA SER C 196 -14.82 0.35 5.49
C SER C 196 -16.25 0.37 6.01
N GLU C 197 -17.02 1.36 5.54
CA GLU C 197 -18.39 1.53 5.98
C GLU C 197 -19.26 1.51 4.73
N SER C 198 -20.54 1.21 4.92
CA SER C 198 -21.55 1.28 3.83
C SER C 198 -21.65 2.72 3.25
N GLU C 199 -22.12 2.85 2.02
CA GLU C 199 -22.12 4.16 1.35
C GLU C 199 -23.42 4.28 0.57
N LEU C 200 -24.15 5.37 0.77
CA LEU C 200 -25.34 5.70 -0.01
C LEU C 200 -25.28 7.18 -0.26
N ILE C 201 -26.14 7.66 -1.16
CA ILE C 201 -26.22 9.10 -1.41
C ILE C 201 -27.60 9.53 -0.97
N PHE C 202 -27.63 10.48 -0.04
CA PHE C 202 -28.90 11.04 0.45
C PHE C 202 -29.22 12.39 -0.20
N PRO C 203 -30.50 12.79 -0.18
CA PRO C 203 -30.80 14.12 -0.76
C PRO C 203 -30.19 15.27 0.04
N SER C 204 -29.68 16.29 -0.66
CA SER C 204 -29.07 17.46 -0.03
C SER C 204 -30.08 18.27 0.79
N ILE C 205 -29.58 19.06 1.72
CA ILE C 205 -30.43 19.89 2.58
C ILE C 205 -30.26 21.32 2.15
N SER C 206 -31.38 22.01 1.99
CA SER C 206 -31.32 23.43 1.71
C SER C 206 -31.08 24.22 2.98
N VAL C 207 -30.08 25.11 2.94
CA VAL C 207 -29.82 25.99 4.06
C VAL C 207 -30.05 27.44 3.63
N LYS C 208 -30.97 27.64 2.69
CA LYS C 208 -31.30 28.95 2.16
C LYS C 208 -31.65 29.90 3.31
N ASP C 209 -31.10 31.11 3.26
CA ASP C 209 -31.40 32.14 4.27
C ASP C 209 -30.84 31.91 5.68
N LEU C 210 -30.02 30.85 5.83
CA LEU C 210 -29.26 30.65 7.07
C LEU C 210 -27.86 31.24 6.93
N LYS C 211 -27.27 31.67 8.03
CA LYS C 211 -25.91 32.25 7.99
C LYS C 211 -24.91 31.36 8.73
N SER C 212 -23.74 31.16 8.14
CA SER C 212 -22.75 30.24 8.71
C SER C 212 -22.28 30.71 10.11
N LYS C 213 -22.18 32.04 10.29
CA LYS C 213 -21.71 32.60 11.56
C LYS C 213 -22.67 32.23 12.69
N ALA C 214 -23.97 32.40 12.45
CA ALA C 214 -25.01 32.08 13.45
C ALA C 214 -25.16 30.59 13.71
N VAL C 215 -25.03 29.79 12.66
CA VAL C 215 -25.10 28.35 12.79
C VAL C 215 -23.92 27.83 13.60
N LEU C 216 -22.73 28.30 13.26
CA LEU C 216 -21.52 27.82 13.91
C LEU C 216 -21.49 28.24 15.39
N ALA C 217 -22.09 29.38 15.69
CA ALA C 217 -22.14 29.91 17.06
C ALA C 217 -23.06 29.05 17.94
N GLU C 218 -24.20 28.64 17.36
CA GLU C 218 -25.16 27.76 18.03
C GLU C 218 -24.51 26.39 18.26
N ILE C 219 -23.67 25.96 17.31
CA ILE C 219 -22.94 24.70 17.46
C ILE C 219 -21.93 24.82 18.60
N ASP C 220 -21.25 25.97 18.68
CA ASP C 220 -20.29 26.21 19.76
C ASP C 220 -20.99 26.18 21.12
N ALA C 221 -22.18 26.73 21.20
CA ALA C 221 -22.90 26.88 22.45
C ALA C 221 -23.56 25.61 22.96
N LYS C 222 -24.11 24.78 22.10
CA LYS C 222 -24.81 23.58 22.55
C LYS C 222 -24.42 22.27 21.90
N GLY C 223 -23.48 22.31 20.98
CA GLY C 223 -23.01 21.11 20.36
C GLY C 223 -23.59 20.84 18.98
N TYR C 224 -24.67 21.49 18.64
CA TYR C 224 -25.32 21.24 17.38
C TYR C 224 -26.22 22.36 16.97
N PHE C 225 -26.59 22.37 15.71
CA PHE C 225 -27.63 23.23 15.17
C PHE C 225 -28.60 22.30 14.48
N GLU C 226 -29.87 22.36 14.84
CA GLU C 226 -30.83 21.47 14.21
C GLU C 226 -31.82 22.23 13.32
N ILE C 227 -32.33 21.52 12.32
CA ILE C 227 -33.37 22.04 11.45
C ILE C 227 -34.52 21.04 11.57
N ILE C 228 -35.65 21.53 12.03
CA ILE C 228 -36.83 20.71 12.16
C ILE C 228 -37.63 20.77 10.88
N ASP C 229 -38.05 19.62 10.37
CA ASP C 229 -38.75 19.49 9.09
C ASP C 229 -38.00 20.21 7.97
N PRO C 230 -36.80 19.71 7.61
CA PRO C 230 -35.98 20.47 6.65
C PRO C 230 -36.51 20.40 5.22
N THR C 231 -36.08 21.35 4.40
CA THR C 231 -36.30 21.32 2.97
C THR C 231 -35.17 20.52 2.36
N ILE C 232 -35.52 19.40 1.77
CA ILE C 232 -34.52 18.59 1.08
C ILE C 232 -34.61 18.79 -0.42
N ILE C 233 -33.52 18.50 -1.11
CA ILE C 233 -33.48 18.64 -2.57
C ILE C 233 -33.56 17.26 -3.22
N ALA C 234 -34.62 17.01 -3.98
CA ALA C 234 -34.80 15.73 -4.68
C ALA C 234 -33.77 15.55 -5.82
N PRO C 235 -33.54 14.30 -6.26
CA PRO C 235 -32.62 14.07 -7.37
C PRO C 235 -33.05 14.82 -8.63
N ASN C 236 -34.34 15.08 -8.81
CA ASN C 236 -34.74 15.85 -9.99
C ASN C 236 -34.71 17.36 -9.75
N GLY C 237 -34.28 17.77 -8.59
CA GLY C 237 -34.23 19.17 -8.29
C GLY C 237 -35.37 19.79 -7.51
N ASP C 238 -36.45 19.06 -7.35
CA ASP C 238 -37.57 19.50 -6.54
C ASP C 238 -37.14 19.85 -5.10
N HIS C 239 -37.64 20.94 -4.54
CA HIS C 239 -37.46 21.21 -3.13
C HIS C 239 -38.68 20.82 -2.37
N LYS C 240 -38.49 20.11 -1.27
CA LYS C 240 -39.59 19.51 -0.58
C LYS C 240 -39.32 19.49 0.91
N LYS C 241 -40.26 19.97 1.69
CA LYS C 241 -40.20 19.88 3.14
C LYS C 241 -40.54 18.45 3.58
N VAL C 242 -39.67 17.86 4.40
CA VAL C 242 -39.82 16.48 4.87
C VAL C 242 -39.78 16.43 6.39
N THR C 243 -40.75 15.74 6.99
CA THR C 243 -40.82 15.60 8.44
C THR C 243 -39.65 14.83 9.06
N GLY C 244 -39.03 15.40 10.09
CA GLY C 244 -37.93 14.76 10.82
C GLY C 244 -36.96 15.84 11.26
N ARG C 245 -35.77 15.42 11.68
CA ARG C 245 -34.76 16.37 12.15
C ARG C 245 -33.43 16.15 11.44
N PHE C 246 -32.82 17.25 11.01
CA PHE C 246 -31.46 17.25 10.48
C PHE C 246 -30.58 18.06 11.41
N LYS C 247 -29.44 17.49 11.78
CA LYS C 247 -28.50 18.19 12.67
C LYS C 247 -27.14 18.44 12.02
N ILE C 248 -26.54 19.58 12.36
CA ILE C 248 -25.12 19.78 12.11
C ILE C 248 -24.44 19.82 13.47
N LYS C 249 -23.50 18.91 13.65
CA LYS C 249 -22.87 18.72 14.96
C LYS C 249 -21.38 18.94 14.94
N LYS C 250 -20.83 19.38 16.07
CA LYS C 250 -19.41 19.17 16.34
C LYS C 250 -19.40 17.98 17.27
N MET C 251 -18.77 16.89 16.84
CA MET C 251 -18.89 15.62 17.56
C MET C 251 -18.14 15.75 18.88
N GLN C 252 -18.69 15.08 19.89
CA GLN C 252 -18.18 15.21 21.27
C GLN C 252 -18.34 13.89 22.00
N ASP C 253 -17.65 13.74 23.13
CA ASP C 253 -17.78 12.54 23.97
C ASP C 253 -19.25 12.27 24.28
N ARG C 254 -19.62 10.98 24.35
CA ARG C 254 -20.99 10.60 24.68
C ARG C 254 -21.25 10.72 26.17
N MET D 1 -6.43 32.56 12.39
CA MET D 1 -5.38 33.06 11.43
C MET D 1 -4.92 31.95 10.52
N TYR D 2 -4.58 32.27 9.27
CA TYR D 2 -4.02 31.27 8.34
C TYR D 2 -2.85 30.54 8.98
N LYS D 3 -2.79 29.23 8.81
CA LYS D 3 -1.63 28.45 9.21
C LYS D 3 -1.36 27.49 8.07
N VAL D 4 -0.08 27.23 7.81
CA VAL D 4 0.32 26.30 6.75
C VAL D 4 -0.16 24.88 7.08
N PRO D 5 -0.95 24.29 6.17
CA PRO D 5 -1.49 22.95 6.40
C PRO D 5 -0.38 21.88 6.51
N LYS D 6 -0.69 20.82 7.27
CA LYS D 6 0.24 19.71 7.46
C LYS D 6 0.26 18.72 6.29
N GLY D 7 -0.84 18.67 5.56
CA GLY D 7 -1.01 17.71 4.49
C GLY D 7 -0.61 18.15 3.10
N LEU D 8 -0.72 17.22 2.18
CA LEU D 8 -0.51 17.45 0.77
C LEU D 8 0.80 18.14 0.44
N GLU D 9 1.88 17.63 0.99
CA GLU D 9 3.18 18.17 0.75
C GLU D 9 3.62 18.12 -0.69
N HIS D 10 3.11 17.17 -1.46
CA HIS D 10 3.41 17.25 -2.85
C HIS D 10 2.89 18.50 -3.49
N TYR D 11 1.73 18.98 -3.10
CA TYR D 11 1.27 20.27 -3.58
C TYR D 11 2.13 21.46 -3.08
N GLN D 12 2.51 21.45 -1.82
CA GLN D 12 3.38 22.51 -1.31
C GLN D 12 4.70 22.60 -2.09
N LYS D 13 5.31 21.45 -2.31
CA LYS D 13 6.54 21.37 -3.03
C LYS D 13 6.45 21.97 -4.42
N MET D 14 5.35 21.71 -5.07
CA MET D 14 5.09 22.19 -6.41
C MET D 14 5.26 23.68 -6.61
N PHE D 15 5.01 24.42 -5.57
CA PHE D 15 5.08 25.86 -5.68
C PHE D 15 6.31 26.47 -5.05
N GLN D 16 7.17 25.64 -4.49
CA GLN D 16 8.39 26.13 -3.93
C GLN D 16 9.57 25.90 -4.88
N LYS D 17 9.55 26.61 -5.99
CA LYS D 17 10.49 26.50 -7.07
C LYS D 17 10.08 27.57 -8.05
N GLU D 18 10.67 27.64 -9.23
CA GLU D 18 10.23 28.63 -10.21
C GLU D 18 8.88 28.24 -10.75
N VAL D 19 7.99 29.22 -10.85
CA VAL D 19 6.63 29.04 -11.30
C VAL D 19 6.27 30.24 -12.16
N THR D 20 5.89 30.01 -13.39
CA THR D 20 5.64 31.12 -14.31
C THR D 20 4.19 31.55 -14.30
N VAL D 21 3.93 32.71 -14.90
CA VAL D 21 2.58 33.17 -15.11
C VAL D 21 1.82 32.11 -15.90
N ASN D 22 2.46 31.55 -16.92
CA ASN D 22 1.80 30.52 -17.69
C ASN D 22 1.50 29.23 -16.91
N ASP D 23 2.44 28.80 -16.03
CA ASP D 23 2.22 27.66 -15.13
C ASP D 23 1.03 27.92 -14.23
N LEU D 24 0.97 29.12 -13.66
CA LEU D 24 -0.14 29.48 -12.77
C LEU D 24 -1.47 29.41 -13.48
N LYS D 25 -1.52 29.88 -14.73
CA LYS D 25 -2.76 29.81 -15.50
C LYS D 25 -3.18 28.37 -15.71
N LYS D 26 -2.23 27.52 -16.11
CA LYS D 26 -2.52 26.08 -16.28
C LYS D 26 -3.01 25.44 -14.97
N TYR D 27 -2.38 25.79 -13.85
CA TYR D 27 -2.82 25.27 -12.55
C TYR D 27 -4.18 25.79 -12.16
N LEU D 28 -4.39 27.11 -12.26
CA LEU D 28 -5.68 27.66 -11.87
C LEU D 28 -6.85 27.09 -12.68
N ILE D 29 -6.59 26.76 -13.95
CA ILE D 29 -7.67 26.21 -14.79
C ILE D 29 -7.82 24.69 -14.59
N GLY D 30 -6.72 23.97 -14.80
CA GLY D 30 -6.68 22.53 -14.59
C GLY D 30 -7.44 21.74 -15.63
N SER D 31 -7.53 22.27 -16.86
CA SER D 31 -8.18 21.51 -17.94
C SER D 31 -7.21 20.40 -18.40
N ASP D 32 -5.91 20.70 -18.26
CA ASP D 32 -4.81 19.79 -18.52
C ASP D 32 -4.58 19.02 -17.23
N LYS D 33 -4.88 17.71 -17.25
CA LYS D 33 -4.82 16.84 -16.05
C LYS D 33 -3.51 16.92 -15.28
N GLU D 34 -2.41 17.18 -15.97
CA GLU D 34 -1.10 17.30 -15.31
C GLU D 34 -1.00 18.53 -14.40
N TYR D 35 -1.89 19.50 -14.61
CA TYR D 35 -1.90 20.73 -13.84
C TYR D 35 -3.17 20.90 -13.01
N ARG D 36 -3.90 19.80 -12.79
CA ARG D 36 -5.22 19.84 -12.14
C ARG D 36 -5.09 19.60 -10.64
N ILE D 37 -5.30 20.65 -9.88
CA ILE D 37 -5.02 20.66 -8.45
C ILE D 37 -6.37 20.66 -7.71
N THR D 38 -6.72 19.49 -7.20
CA THR D 38 -7.95 19.30 -6.40
C THR D 38 -7.66 18.62 -5.07
N ARG D 39 -8.67 18.52 -4.21
CA ARG D 39 -8.59 17.68 -3.02
C ARG D 39 -9.77 16.74 -3.01
N ARG D 40 -9.70 15.76 -2.12
CA ARG D 40 -10.76 14.77 -1.97
C ARG D 40 -12.16 15.41 -1.89
N ASP D 41 -12.26 16.54 -1.22
CA ASP D 41 -13.57 17.16 -1.08
C ASP D 41 -13.86 18.33 -1.99
N SER D 42 -13.08 18.50 -3.06
CA SER D 42 -13.27 19.63 -3.96
C SER D 42 -14.68 19.51 -4.58
N TYR D 43 -15.36 20.64 -4.75
CA TYR D 43 -16.73 20.62 -5.24
C TYR D 43 -16.85 19.88 -6.57
N MET D 44 -15.97 20.24 -7.51
CA MET D 44 -15.80 19.48 -8.75
C MET D 44 -14.43 18.81 -8.76
N GLY D 45 -14.35 17.70 -9.48
CA GLY D 45 -13.14 16.90 -9.44
C GLY D 45 -12.37 17.00 -10.76
N ASP D 46 -12.99 17.58 -11.79
CA ASP D 46 -12.44 17.50 -13.14
C ASP D 46 -11.85 18.81 -13.70
N ILE D 47 -11.78 19.81 -12.84
CA ILE D 47 -11.09 21.08 -13.10
C ILE D 47 -10.39 21.42 -11.78
N SER D 48 -9.43 22.32 -11.82
CA SER D 48 -8.69 22.69 -10.59
C SER D 48 -9.60 23.41 -9.61
N ASP D 49 -9.13 23.41 -8.36
CA ASP D 49 -9.79 24.02 -7.24
C ASP D 49 -8.87 25.12 -6.75
N PRO D 50 -9.19 26.38 -7.09
CA PRO D 50 -8.27 27.46 -6.73
C PRO D 50 -8.12 27.62 -5.22
N GLU D 51 -9.09 27.19 -4.41
CA GLU D 51 -8.88 27.27 -2.97
C GLU D 51 -7.74 26.34 -2.49
N VAL D 52 -7.68 25.16 -3.10
CA VAL D 52 -6.58 24.22 -2.83
C VAL D 52 -5.26 24.91 -3.23
N ILE D 53 -5.23 25.47 -4.44
CA ILE D 53 -4.02 26.16 -4.93
C ILE D 53 -3.51 27.24 -3.98
N LEU D 54 -4.39 28.12 -3.50
CA LEU D 54 -3.98 29.15 -2.53
C LEU D 54 -3.54 28.54 -1.21
N GLU D 55 -4.39 27.69 -0.63
CA GLU D 55 -4.20 27.18 0.72
C GLU D 55 -2.95 26.28 0.88
N TYR D 56 -2.72 25.42 -0.12
CA TYR D 56 -1.68 24.40 -0.06
C TYR D 56 -0.51 24.76 -0.95
N GLY D 57 -0.74 25.62 -1.93
CA GLY D 57 0.34 25.96 -2.86
C GLY D 57 0.95 27.32 -2.63
N VAL D 58 0.19 28.35 -2.94
CA VAL D 58 0.67 29.74 -3.01
C VAL D 58 1.04 30.30 -1.62
N TYR D 59 0.17 30.15 -0.63
CA TYR D 59 0.48 30.71 0.67
C TYR D 59 1.68 30.07 1.36
N PRO D 60 1.76 28.73 1.37
CA PRO D 60 2.96 28.14 1.99
C PRO D 60 4.25 28.61 1.31
N ALA D 61 4.21 28.73 0.00
CA ALA D 61 5.39 29.14 -0.78
C ALA D 61 5.76 30.59 -0.48
N PHE D 62 4.75 31.47 -0.51
CA PHE D 62 4.91 32.89 -0.16
C PHE D 62 5.57 33.04 1.22
N ILE D 63 5.08 32.31 2.21
CA ILE D 63 5.67 32.25 3.58
C ILE D 63 7.15 31.80 3.59
N LYS D 64 7.49 30.91 2.67
CA LYS D 64 8.86 30.45 2.57
C LYS D 64 9.72 31.43 1.76
N GLY D 65 9.12 32.53 1.31
CA GLY D 65 9.88 33.58 0.65
C GLY D 65 9.70 33.67 -0.86
N TYR D 66 8.84 32.83 -1.44
CA TYR D 66 8.60 32.93 -2.88
C TYR D 66 7.54 33.98 -3.17
N THR D 67 7.89 35.25 -2.91
CA THR D 67 6.92 36.35 -2.86
C THR D 67 6.46 36.81 -4.24
N GLN D 68 7.22 36.46 -5.27
CA GLN D 68 6.82 36.87 -6.61
C GLN D 68 5.53 36.18 -7.06
N LEU D 69 5.16 35.11 -6.36
CA LEU D 69 3.88 34.46 -6.62
C LEU D 69 2.68 35.40 -6.57
N LYS D 70 2.74 36.42 -5.70
CA LYS D 70 1.65 37.39 -5.60
C LYS D 70 1.49 38.15 -6.91
N ALA D 71 2.57 38.80 -7.38
CA ALA D 71 2.52 39.52 -8.65
C ALA D 71 2.13 38.57 -9.77
N ASN D 72 2.75 37.41 -9.79
CA ASN D 72 2.54 36.49 -10.90
C ASN D 72 1.15 35.89 -10.93
N ILE D 73 0.59 35.57 -9.77
CA ILE D 73 -0.80 35.10 -9.78
C ILE D 73 -1.78 36.21 -10.19
N GLU D 74 -1.47 37.45 -9.82
CA GLU D 74 -2.24 38.61 -10.23
C GLU D 74 -2.21 38.72 -11.76
N GLU D 75 -1.01 38.58 -12.33
CA GLU D 75 -0.85 38.59 -13.80
C GLU D 75 -1.60 37.43 -14.44
N ALA D 76 -1.45 36.22 -13.90
CA ALA D 76 -2.21 35.06 -14.42
C ALA D 76 -3.73 35.29 -14.44
N LEU D 77 -4.28 35.79 -13.33
CA LEU D 77 -5.70 36.14 -13.27
C LEU D 77 -6.10 37.29 -14.22
N LEU D 78 -5.20 38.25 -14.40
CA LEU D 78 -5.49 39.35 -15.31
C LEU D 78 -5.70 38.79 -16.72
N GLU D 79 -4.85 37.84 -17.09
CA GLU D 79 -4.90 37.22 -18.41
C GLU D 79 -6.09 36.30 -18.55
N MET D 80 -6.32 35.46 -17.55
CA MET D 80 -7.49 34.60 -17.55
C MET D 80 -8.79 35.37 -17.73
N SER D 81 -8.96 36.46 -16.97
CA SER D 81 -10.22 37.21 -16.98
C SER D 81 -10.43 38.00 -18.28
N ASN D 82 -9.33 38.22 -18.99
CA ASN D 82 -9.36 38.90 -20.28
C ASN D 82 -9.33 37.94 -21.48
N SER D 83 -9.34 36.63 -21.22
CA SER D 83 -9.11 35.64 -22.26
C SER D 83 -10.32 35.42 -23.17
N GLY D 84 -11.49 35.88 -22.74
CA GLY D 84 -12.74 35.59 -23.46
C GLY D 84 -13.17 34.13 -23.50
N GLN D 85 -12.51 33.27 -22.70
CA GLN D 85 -12.84 31.84 -22.61
C GLN D 85 -13.61 31.56 -21.32
N ALA D 86 -14.74 30.87 -21.45
CA ALA D 86 -15.68 30.66 -20.32
C ALA D 86 -15.03 30.06 -19.09
N LEU D 87 -14.40 28.91 -19.25
CA LEU D 87 -13.80 28.24 -18.14
C LEU D 87 -12.73 29.06 -17.49
N ASP D 88 -11.90 29.66 -18.30
CA ASP D 88 -10.83 30.49 -17.76
C ASP D 88 -11.39 31.60 -16.87
N ILE D 89 -12.43 32.25 -17.33
CA ILE D 89 -13.02 33.33 -16.58
C ILE D 89 -13.68 32.81 -15.33
N TYR D 90 -14.38 31.70 -15.48
CA TYR D 90 -15.01 31.03 -14.33
C TYR D 90 -13.97 30.75 -13.23
N GLN D 91 -12.82 30.24 -13.65
CA GLN D 91 -11.73 29.91 -12.71
C GLN D 91 -11.11 31.18 -12.11
N ALA D 92 -11.03 32.27 -12.90
CA ALA D 92 -10.57 33.56 -12.34
C ALA D 92 -11.49 34.03 -11.22
N VAL D 93 -12.78 34.01 -11.51
CA VAL D 93 -13.86 34.25 -10.54
C VAL D 93 -13.76 33.34 -9.30
N GLN D 94 -13.54 32.05 -9.55
CA GLN D 94 -13.38 31.10 -8.44
C GLN D 94 -12.16 31.39 -7.58
N THR D 95 -11.10 31.97 -8.16
CA THR D 95 -9.87 32.27 -7.40
C THR D 95 -10.12 33.47 -6.49
N LEU D 96 -10.80 34.49 -7.01
CA LEU D 96 -11.13 35.63 -6.15
C LEU D 96 -12.07 35.17 -5.03
N ASN D 97 -12.97 34.26 -5.38
CA ASN D 97 -13.92 33.71 -4.43
C ASN D 97 -13.19 32.89 -3.38
N ALA D 98 -12.25 32.07 -3.83
CA ALA D 98 -11.42 31.25 -2.92
C ALA D 98 -10.72 32.12 -1.87
N GLU D 99 -10.16 33.26 -2.30
CA GLU D 99 -9.53 34.16 -1.34
C GLU D 99 -10.54 34.57 -0.26
N ASN D 100 -11.74 34.96 -0.68
CA ASN D 100 -12.81 35.27 0.27
C ASN D 100 -13.18 34.11 1.19
N MET D 101 -13.27 32.88 0.65
CA MET D 101 -13.72 31.74 1.47
C MET D 101 -12.61 31.47 2.48
N LEU D 102 -11.38 31.65 2.03
CA LEU D 102 -10.22 31.41 2.93
C LEU D 102 -10.15 32.52 3.99
N LEU D 103 -10.46 33.76 3.62
CA LEU D 103 -10.58 34.85 4.59
C LEU D 103 -11.68 34.56 5.66
N ASN D 104 -12.85 34.10 5.22
CA ASN D 104 -13.96 33.78 6.15
C ASN D 104 -13.59 32.77 7.22
N TYR D 105 -12.94 31.71 6.75
CA TYR D 105 -12.44 30.67 7.60
C TYR D 105 -11.23 30.98 8.49
N TYR D 106 -10.18 31.48 7.90
CA TYR D 106 -8.94 31.70 8.60
C TYR D 106 -8.80 33.06 9.30
N GLU D 107 -9.58 34.02 8.89
CA GLU D 107 -9.73 35.30 9.53
C GLU D 107 -8.60 36.28 9.22
N SER D 108 -7.53 35.77 8.66
CA SER D 108 -6.46 36.58 8.15
C SER D 108 -5.57 35.73 7.26
N LEU D 109 -5.06 36.31 6.20
CA LEU D 109 -4.25 35.62 5.21
C LEU D 109 -2.94 36.32 5.00
N PRO D 110 -1.97 35.60 4.47
CA PRO D 110 -0.64 36.16 4.29
C PRO D 110 -0.63 37.43 3.51
N PHE D 111 -1.36 37.50 2.43
CA PHE D 111 -1.50 38.69 1.65
C PHE D 111 -2.90 38.67 1.02
N TYR D 112 -3.34 39.85 0.58
CA TYR D 112 -4.58 39.99 -0.18
C TYR D 112 -4.26 40.42 -1.59
N LEU D 113 -4.93 39.80 -2.56
CA LEU D 113 -4.71 40.11 -3.96
C LEU D 113 -5.04 41.56 -4.33
N ASN D 114 -4.18 42.16 -5.17
CA ASN D 114 -4.53 43.40 -5.85
C ASN D 114 -5.49 42.97 -6.95
N ARG D 115 -6.75 43.30 -6.80
CA ARG D 115 -7.75 42.70 -7.68
C ARG D 115 -8.57 43.71 -8.49
N GLN D 116 -8.21 44.99 -8.42
CA GLN D 116 -9.00 46.00 -9.11
C GLN D 116 -9.08 45.76 -10.62
N SER D 117 -7.93 45.57 -11.26
CA SER D 117 -7.93 45.35 -12.70
C SER D 117 -8.55 44.01 -13.10
N ILE D 118 -8.30 42.96 -12.30
CA ILE D 118 -8.93 41.67 -12.54
C ILE D 118 -10.46 41.80 -12.50
N LEU D 119 -10.98 42.48 -11.48
CA LEU D 119 -12.40 42.82 -11.40
C LEU D 119 -12.89 43.58 -12.64
N ALA D 120 -12.09 44.55 -13.11
CA ALA D 120 -12.43 45.29 -14.33
C ALA D 120 -12.58 44.35 -15.55
N ASN D 121 -11.65 43.41 -15.69
CA ASN D 121 -11.71 42.45 -16.81
C ASN D 121 -12.94 41.57 -16.67
N ILE D 122 -13.28 41.21 -15.44
CA ILE D 122 -14.45 40.32 -15.21
C ILE D 122 -15.74 41.05 -15.57
N THR D 123 -15.89 42.29 -15.07
CA THR D 123 -17.01 43.14 -15.44
C THR D 123 -17.15 43.23 -16.97
N LYS D 124 -16.03 43.50 -17.67
CA LYS D 124 -16.07 43.66 -19.12
C LYS D 124 -16.49 42.36 -19.82
N ALA D 125 -15.90 41.26 -19.39
CA ALA D 125 -16.18 39.95 -19.94
C ALA D 125 -17.64 39.59 -19.81
N LEU D 126 -18.23 39.91 -18.66
CA LEU D 126 -19.63 39.57 -18.42
C LEU D 126 -20.63 40.51 -19.12
N LYS D 127 -20.14 41.63 -19.66
CA LYS D 127 -20.96 42.50 -20.51
C LYS D 127 -21.05 41.95 -21.95
N ASP D 128 -20.25 40.92 -22.26
CA ASP D 128 -20.10 40.37 -23.62
C ASP D 128 -21.10 39.23 -23.88
N ALA D 129 -22.04 39.46 -24.80
CA ALA D 129 -23.08 38.47 -25.08
C ALA D 129 -22.55 37.08 -25.48
N HIS D 130 -21.47 37.02 -26.27
CA HIS D 130 -20.92 35.72 -26.67
C HIS D 130 -20.32 34.97 -25.49
N ILE D 131 -19.65 35.70 -24.60
CA ILE D 131 -19.09 35.07 -23.39
C ILE D 131 -20.21 34.61 -22.45
N ARG D 132 -21.23 35.44 -22.25
CA ARG D 132 -22.40 35.03 -21.45
C ARG D 132 -23.08 33.76 -21.99
N GLU D 133 -23.29 33.70 -23.30
CA GLU D 133 -23.91 32.54 -23.93
C GLU D 133 -23.07 31.28 -23.71
N ALA D 134 -21.76 31.41 -23.82
CA ALA D 134 -20.83 30.29 -23.63
C ALA D 134 -20.96 29.75 -22.21
N MET D 135 -21.02 30.66 -21.24
CA MET D 135 -21.22 30.30 -19.84
C MET D 135 -22.57 29.65 -19.60
N ALA D 136 -23.63 30.25 -20.18
CA ALA D 136 -24.98 29.73 -20.01
C ALA D 136 -25.07 28.30 -20.54
N HIS D 137 -24.32 27.99 -21.59
CA HIS D 137 -24.40 26.66 -22.21
C HIS D 137 -23.31 25.69 -21.80
N TYR D 138 -22.41 26.11 -20.90
CA TYR D 138 -21.24 25.30 -20.60
C TYR D 138 -21.68 24.04 -19.88
N LYS D 139 -21.65 22.92 -20.58
CA LYS D 139 -22.09 21.66 -19.96
C LYS D 139 -21.09 20.52 -20.11
N LEU D 140 -19.84 20.89 -20.29
CA LEU D 140 -18.75 19.95 -20.33
C LEU D 140 -18.51 19.40 -18.94
N GLY D 141 -18.07 18.14 -18.86
CA GLY D 141 -17.63 17.58 -17.59
C GLY D 141 -18.72 17.51 -16.54
N GLU D 142 -18.38 17.85 -15.30
CA GLU D 142 -19.36 17.73 -14.23
C GLU D 142 -20.49 18.77 -14.29
N PHE D 143 -20.28 19.86 -15.02
CA PHE D 143 -21.33 20.86 -15.22
C PHE D 143 -22.58 20.26 -15.83
N ALA D 144 -22.40 19.15 -16.55
CA ALA D 144 -23.52 18.46 -17.16
C ALA D 144 -24.49 17.92 -16.10
N HIS D 145 -24.01 17.72 -14.88
CA HIS D 145 -24.80 17.14 -13.78
C HIS D 145 -25.50 18.15 -12.89
N TYR D 146 -25.48 19.44 -13.28
CA TYR D 146 -26.10 20.48 -12.47
C TYR D 146 -27.10 21.26 -13.31
N GLN D 147 -28.32 21.38 -12.81
CA GLN D 147 -29.31 22.36 -13.30
C GLN D 147 -28.77 23.79 -13.19
N ASP D 148 -27.97 24.05 -12.16
CA ASP D 148 -27.42 25.35 -11.92
C ASP D 148 -26.34 25.61 -12.99
N THR D 149 -26.49 26.65 -13.79
CA THR D 149 -25.55 26.86 -14.92
C THR D 149 -24.26 27.54 -14.49
N MET D 150 -23.21 27.39 -15.30
CA MET D 150 -21.98 28.12 -15.06
C MET D 150 -22.30 29.61 -14.97
N LEU D 151 -23.14 30.12 -15.87
CA LEU D 151 -23.47 31.56 -15.84
C LEU D 151 -24.07 32.00 -14.48
N ASP D 152 -25.03 31.25 -13.99
CA ASP D 152 -25.72 31.57 -12.74
C ASP D 152 -24.69 31.46 -11.59
N MET D 153 -23.84 30.43 -11.63
CA MET D 153 -22.77 30.31 -10.61
C MET D 153 -21.85 31.52 -10.60
N VAL D 154 -21.41 31.91 -11.80
CA VAL D 154 -20.55 33.09 -11.96
C VAL D 154 -21.22 34.38 -11.46
N GLU D 155 -22.45 34.61 -11.92
CA GLU D 155 -23.20 35.80 -11.51
C GLU D 155 -23.43 35.87 -9.98
N ARG D 156 -23.87 34.78 -9.38
CA ARG D 156 -24.06 34.74 -7.91
C ARG D 156 -22.74 34.94 -7.16
N THR D 157 -21.65 34.36 -7.68
CA THR D 157 -20.33 34.61 -7.09
C THR D 157 -19.88 36.09 -7.20
N ILE D 158 -20.07 36.70 -8.37
CA ILE D 158 -19.65 38.11 -8.56
C ILE D 158 -20.37 39.04 -7.59
N GLU D 159 -21.61 38.69 -7.24
CA GLU D 159 -22.40 39.52 -6.32
C GLU D 159 -21.74 39.62 -4.96
N THR D 160 -20.85 38.68 -4.66
CA THR D 160 -20.16 38.66 -3.39
C THR D 160 -18.86 39.49 -3.43
N PHE D 161 -18.49 40.02 -4.60
CA PHE D 161 -17.26 40.83 -4.71
C PHE D 161 -17.46 42.31 -4.29
#